data_2EMC
#
_entry.id   2EMC
#
loop_
_entity.id
_entity.type
_entity.pdbx_description
1 polymer 'Zinc finger protein 473'
2 non-polymer 'ZINC ION'
#
_entity_poly.entity_id   1
_entity_poly.type   'polypeptide(L)'
_entity_poly.pdbx_seq_one_letter_code
;GSSGSSGTKEHPFKCNECGKTFSHSAHLSKHQLIHAGENPSGPSSG
;
_entity_poly.pdbx_strand_id   A
#
loop_
_chem_comp.id
_chem_comp.type
_chem_comp.name
_chem_comp.formula
ZN non-polymer 'ZINC ION' 'Zn 2'
#
# COMPACT_ATOMS: atom_id res chain seq x y z
N GLY A 1 -3.30 19.95 -19.97
CA GLY A 1 -3.37 20.42 -18.60
C GLY A 1 -2.21 19.93 -17.76
N SER A 2 -2.51 19.12 -16.75
CA SER A 2 -1.48 18.58 -15.87
C SER A 2 -1.91 17.24 -15.29
N SER A 3 -0.94 16.34 -15.11
CA SER A 3 -1.21 15.02 -14.56
C SER A 3 -0.92 14.98 -13.07
N GLY A 4 -1.89 15.36 -12.26
CA GLY A 4 -1.71 15.36 -10.82
C GLY A 4 -2.15 16.67 -10.18
N SER A 5 -3.46 16.88 -10.11
CA SER A 5 -4.01 18.09 -9.52
C SER A 5 -3.43 18.33 -8.14
N SER A 6 -3.59 17.34 -7.26
CA SER A 6 -3.09 17.45 -5.89
C SER A 6 -1.61 17.85 -5.89
N GLY A 7 -1.17 18.50 -4.81
CA GLY A 7 0.20 18.91 -4.70
C GLY A 7 1.12 17.80 -4.23
N THR A 8 0.81 17.23 -3.07
CA THR A 8 1.61 16.15 -2.51
C THR A 8 1.18 14.81 -3.07
N LYS A 9 1.79 13.73 -2.57
CA LYS A 9 1.47 12.39 -3.01
C LYS A 9 1.62 12.26 -4.53
N GLU A 10 2.75 12.73 -5.04
CA GLU A 10 3.01 12.68 -6.48
C GLU A 10 4.05 11.60 -6.80
N HIS A 11 4.04 10.53 -6.01
CA HIS A 11 4.98 9.42 -6.20
C HIS A 11 4.49 8.50 -7.32
N PRO A 12 5.44 7.95 -8.09
CA PRO A 12 5.15 7.04 -9.20
C PRO A 12 4.62 5.69 -8.71
N PHE A 13 4.71 5.46 -7.41
CA PHE A 13 4.24 4.21 -6.82
C PHE A 13 3.18 4.47 -5.76
N LYS A 14 2.02 3.86 -5.93
CA LYS A 14 0.91 4.02 -4.98
C LYS A 14 0.23 2.68 -4.71
N CYS A 15 0.24 2.27 -3.44
CA CYS A 15 -0.37 1.01 -3.04
C CYS A 15 -1.88 1.04 -3.31
N ASN A 16 -2.39 -0.06 -3.86
CA ASN A 16 -3.81 -0.18 -4.16
C ASN A 16 -4.56 -0.91 -3.06
N GLU A 17 -3.80 -1.58 -2.19
CA GLU A 17 -4.40 -2.33 -1.08
C GLU A 17 -4.90 -1.37 0.01
N CYS A 18 -4.11 -0.33 0.28
CA CYS A 18 -4.47 0.64 1.30
C CYS A 18 -4.61 2.03 0.70
N GLY A 19 -3.63 2.43 -0.12
CA GLY A 19 -3.66 3.72 -0.75
C GLY A 19 -2.45 4.55 -0.43
N LYS A 20 -1.37 3.89 -0.02
CA LYS A 20 -0.14 4.58 0.33
C LYS A 20 0.65 4.97 -0.92
N THR A 21 1.77 5.65 -0.73
CA THR A 21 2.60 6.08 -1.86
C THR A 21 4.07 6.09 -1.47
N PHE A 22 4.92 5.61 -2.37
CA PHE A 22 6.35 5.55 -2.13
C PHE A 22 7.13 6.07 -3.34
N SER A 23 8.17 6.86 -3.08
CA SER A 23 8.99 7.41 -4.15
C SER A 23 9.59 6.31 -5.02
N HIS A 24 10.17 5.30 -4.36
CA HIS A 24 10.77 4.18 -5.07
C HIS A 24 9.90 2.92 -4.95
N SER A 25 10.01 2.04 -5.93
CA SER A 25 9.23 0.81 -5.94
C SER A 25 9.63 -0.09 -4.77
N ALA A 26 10.93 -0.36 -4.66
CA ALA A 26 11.45 -1.21 -3.59
C ALA A 26 10.65 -1.00 -2.30
N HIS A 27 10.29 0.24 -2.02
CA HIS A 27 9.54 0.58 -0.82
C HIS A 27 8.13 0.00 -0.89
N LEU A 28 7.44 0.25 -2.00
CA LEU A 28 6.09 -0.25 -2.19
C LEU A 28 6.05 -1.78 -2.11
N SER A 29 6.77 -2.42 -3.02
CA SER A 29 6.82 -3.88 -3.07
C SER A 29 6.99 -4.46 -1.67
N LYS A 30 7.90 -3.86 -0.90
CA LYS A 30 8.17 -4.31 0.46
C LYS A 30 6.96 -4.05 1.37
N HIS A 31 6.36 -2.87 1.21
CA HIS A 31 5.19 -2.50 2.02
C HIS A 31 3.99 -3.35 1.65
N GLN A 32 4.07 -4.05 0.52
CA GLN A 32 2.99 -4.91 0.06
C GLN A 32 2.97 -6.22 0.83
N LEU A 33 4.15 -6.72 1.17
CA LEU A 33 4.27 -7.98 1.92
C LEU A 33 3.48 -7.91 3.22
N ILE A 34 3.22 -6.70 3.69
CA ILE A 34 2.47 -6.50 4.93
C ILE A 34 1.00 -6.84 4.73
N HIS A 35 0.50 -6.63 3.51
CA HIS A 35 -0.90 -6.92 3.20
C HIS A 35 -1.11 -8.41 3.04
N ALA A 36 -0.06 -9.13 2.67
CA ALA A 36 -0.14 -10.57 2.48
C ALA A 36 0.13 -11.31 3.79
N GLY A 37 -0.57 -10.92 4.84
CA GLY A 37 -0.39 -11.56 6.13
C GLY A 37 1.06 -11.88 6.42
N GLU A 38 1.78 -10.93 7.01
CA GLU A 38 3.19 -11.12 7.32
C GLU A 38 3.47 -10.77 8.78
N ASN A 39 2.53 -11.10 9.66
CA ASN A 39 2.67 -10.82 11.08
C ASN A 39 1.54 -11.47 11.88
N PRO A 40 1.85 -11.88 13.11
CA PRO A 40 0.87 -12.51 14.00
C PRO A 40 -0.19 -11.53 14.49
N SER A 41 -1.46 -11.86 14.22
CA SER A 41 -2.56 -10.99 14.62
C SER A 41 -2.66 -10.91 16.15
N GLY A 42 -3.67 -10.21 16.63
CA GLY A 42 -3.85 -10.06 18.07
C GLY A 42 -5.05 -9.20 18.42
N PRO A 43 -4.82 -7.88 18.54
CA PRO A 43 -5.87 -6.92 18.87
C PRO A 43 -6.87 -6.73 17.73
N SER A 44 -6.53 -7.27 16.57
CA SER A 44 -7.40 -7.16 15.39
C SER A 44 -8.79 -7.72 15.69
N SER A 45 -9.80 -7.18 15.01
CA SER A 45 -11.16 -7.62 15.20
C SER A 45 -12.04 -7.21 14.02
N GLY A 46 -12.46 -8.20 13.24
CA GLY A 46 -13.30 -7.93 12.09
C GLY A 46 -14.77 -7.91 12.43
ZN ZN B . -0.60 -0.83 1.34
N GLY A 1 -13.39 19.46 13.25
CA GLY A 1 -12.49 20.20 12.38
C GLY A 1 -11.38 19.33 11.82
N SER A 2 -10.57 18.77 12.72
CA SER A 2 -9.46 17.91 12.31
C SER A 2 -8.83 18.44 11.02
N SER A 3 -8.65 19.75 10.95
CA SER A 3 -8.05 20.37 9.76
C SER A 3 -6.73 19.70 9.41
N GLY A 4 -6.73 18.97 8.30
CA GLY A 4 -5.52 18.29 7.86
C GLY A 4 -5.59 17.86 6.41
N SER A 5 -4.57 18.22 5.64
CA SER A 5 -4.52 17.87 4.22
C SER A 5 -3.30 16.99 3.91
N SER A 6 -3.51 15.68 3.93
CA SER A 6 -2.44 14.74 3.66
C SER A 6 -1.75 15.06 2.34
N GLY A 7 -0.50 15.51 2.42
CA GLY A 7 0.24 15.84 1.22
C GLY A 7 1.22 14.76 0.82
N THR A 8 2.36 15.16 0.26
CA THR A 8 3.37 14.20 -0.17
C THR A 8 2.74 13.00 -0.86
N LYS A 9 1.84 13.26 -1.81
CA LYS A 9 1.17 12.20 -2.54
C LYS A 9 1.38 12.36 -4.04
N GLU A 10 2.64 12.52 -4.44
CA GLU A 10 2.99 12.67 -5.85
C GLU A 10 4.05 11.65 -6.26
N HIS A 11 4.07 10.51 -5.58
CA HIS A 11 5.03 9.46 -5.87
C HIS A 11 4.55 8.59 -7.03
N PRO A 12 5.50 8.10 -7.84
CA PRO A 12 5.20 7.25 -8.99
C PRO A 12 4.69 5.87 -8.59
N PHE A 13 4.75 5.59 -7.29
CA PHE A 13 4.30 4.30 -6.77
C PHE A 13 3.26 4.49 -5.67
N LYS A 14 2.11 3.85 -5.84
CA LYS A 14 1.02 3.95 -4.87
C LYS A 14 0.41 2.59 -4.61
N CYS A 15 0.26 2.23 -3.34
CA CYS A 15 -0.31 0.95 -2.94
C CYS A 15 -1.81 0.93 -3.23
N ASN A 16 -2.27 -0.16 -3.85
CA ASN A 16 -3.68 -0.31 -4.19
C ASN A 16 -4.43 -1.05 -3.08
N GLU A 17 -3.67 -1.67 -2.18
CA GLU A 17 -4.26 -2.42 -1.07
C GLU A 17 -4.79 -1.47 0.00
N CYS A 18 -4.12 -0.33 0.16
CA CYS A 18 -4.53 0.66 1.14
C CYS A 18 -4.64 2.04 0.51
N GLY A 19 -3.65 2.40 -0.30
CA GLY A 19 -3.65 3.69 -0.96
C GLY A 19 -2.45 4.53 -0.59
N LYS A 20 -1.39 3.88 -0.12
CA LYS A 20 -0.18 4.57 0.28
C LYS A 20 0.62 5.01 -0.95
N THR A 21 1.79 5.60 -0.71
CA THR A 21 2.66 6.07 -1.79
C THR A 21 4.12 5.98 -1.39
N PHE A 22 4.98 5.68 -2.36
CA PHE A 22 6.41 5.57 -2.11
C PHE A 22 7.20 6.07 -3.32
N SER A 23 8.27 6.83 -3.05
CA SER A 23 9.11 7.37 -4.10
C SER A 23 9.63 6.26 -5.00
N HIS A 24 10.24 5.24 -4.40
CA HIS A 24 10.79 4.12 -5.15
C HIS A 24 9.87 2.90 -5.05
N SER A 25 9.94 2.02 -6.04
CA SER A 25 9.11 0.82 -6.06
C SER A 25 9.47 -0.10 -4.89
N ALA A 26 10.75 -0.40 -4.76
CA ALA A 26 11.22 -1.26 -3.68
C ALA A 26 10.44 -1.01 -2.40
N HIS A 27 10.17 0.26 -2.11
CA HIS A 27 9.42 0.63 -0.92
C HIS A 27 8.00 0.10 -0.97
N LEU A 28 7.37 0.22 -2.12
CA LEU A 28 6.00 -0.24 -2.31
C LEU A 28 5.91 -1.75 -2.19
N SER A 29 6.66 -2.45 -3.06
CA SER A 29 6.67 -3.91 -3.04
C SER A 29 6.90 -4.44 -1.63
N LYS A 30 7.81 -3.80 -0.90
CA LYS A 30 8.11 -4.20 0.46
C LYS A 30 6.93 -3.96 1.39
N HIS A 31 6.30 -2.80 1.23
CA HIS A 31 5.15 -2.45 2.06
C HIS A 31 3.94 -3.32 1.70
N GLN A 32 4.03 -4.01 0.57
CA GLN A 32 2.94 -4.87 0.12
C GLN A 32 2.96 -6.21 0.86
N LEU A 33 4.16 -6.67 1.20
CA LEU A 33 4.31 -7.93 1.92
C LEU A 33 3.58 -7.90 3.25
N ILE A 34 3.26 -6.70 3.71
CA ILE A 34 2.54 -6.54 4.97
C ILE A 34 1.06 -6.88 4.82
N HIS A 35 0.52 -6.61 3.63
CA HIS A 35 -0.88 -6.89 3.35
C HIS A 35 -1.13 -8.39 3.22
N ALA A 36 -0.14 -9.10 2.70
CA ALA A 36 -0.25 -10.54 2.52
C ALA A 36 0.23 -11.28 3.77
N GLY A 37 -0.72 -11.78 4.56
CA GLY A 37 -0.37 -12.50 5.77
C GLY A 37 -0.63 -13.98 5.66
N GLU A 38 0.44 -14.77 5.53
CA GLU A 38 0.31 -16.21 5.42
C GLU A 38 0.62 -16.90 6.75
N ASN A 39 -0.38 -16.93 7.63
CA ASN A 39 -0.21 -17.55 8.94
C ASN A 39 -1.55 -17.68 9.65
N PRO A 40 -1.64 -18.67 10.56
CA PRO A 40 -2.87 -18.92 11.33
C PRO A 40 -3.14 -17.82 12.35
N SER A 41 -4.16 -17.01 12.07
CA SER A 41 -4.53 -15.92 12.96
C SER A 41 -5.59 -16.35 13.95
N GLY A 42 -6.71 -16.84 13.42
CA GLY A 42 -7.80 -17.28 14.28
C GLY A 42 -9.08 -17.53 13.51
N PRO A 43 -9.67 -16.46 12.96
CA PRO A 43 -10.91 -16.54 12.19
C PRO A 43 -10.71 -17.23 10.85
N SER A 44 -11.81 -17.43 10.13
CA SER A 44 -11.75 -18.08 8.82
C SER A 44 -12.29 -17.16 7.73
N SER A 45 -13.52 -16.69 7.91
CA SER A 45 -14.15 -15.81 6.94
C SER A 45 -14.16 -14.37 7.44
N GLY A 46 -13.27 -13.55 6.89
CA GLY A 46 -13.19 -12.16 7.29
C GLY A 46 -13.06 -12.00 8.79
ZN ZN B . -0.73 -0.80 1.45
N GLY A 1 -3.43 18.61 17.83
CA GLY A 1 -2.95 18.81 16.47
C GLY A 1 -2.58 17.50 15.79
N SER A 2 -3.38 17.11 14.80
CA SER A 2 -3.16 15.88 14.08
C SER A 2 -3.18 16.12 12.57
N SER A 3 -2.02 16.45 12.01
CA SER A 3 -1.92 16.72 10.58
C SER A 3 -2.06 15.42 9.77
N GLY A 4 -2.59 15.54 8.56
CA GLY A 4 -2.76 14.37 7.72
C GLY A 4 -2.07 14.53 6.37
N SER A 5 -2.59 15.42 5.54
CA SER A 5 -2.03 15.65 4.22
C SER A 5 -0.81 16.57 4.30
N SER A 6 0.09 16.46 3.33
CA SER A 6 1.29 17.26 3.29
C SER A 6 1.18 18.36 2.23
N GLY A 7 1.02 17.94 0.98
CA GLY A 7 0.91 18.90 -0.11
C GLY A 7 2.02 18.76 -1.12
N THR A 8 1.78 19.23 -2.34
CA THR A 8 2.77 19.16 -3.40
C THR A 8 3.61 17.89 -3.28
N LYS A 9 2.95 16.76 -3.06
CA LYS A 9 3.64 15.48 -2.93
C LYS A 9 2.93 14.40 -3.73
N GLU A 10 3.61 13.88 -4.75
CA GLU A 10 3.05 12.84 -5.60
C GLU A 10 4.12 11.82 -5.99
N HIS A 11 3.86 10.55 -5.67
CA HIS A 11 4.80 9.49 -5.99
C HIS A 11 4.25 8.59 -7.10
N PRO A 12 5.13 8.11 -7.98
CA PRO A 12 4.76 7.23 -9.08
C PRO A 12 4.33 5.85 -8.62
N PHE A 13 4.63 5.53 -7.36
CA PHE A 13 4.27 4.25 -6.79
C PHE A 13 3.24 4.40 -5.68
N LYS A 14 2.05 3.83 -5.89
CA LYS A 14 0.99 3.91 -4.91
C LYS A 14 0.41 2.53 -4.61
N CYS A 15 0.29 2.20 -3.33
CA CYS A 15 -0.25 0.92 -2.92
C CYS A 15 -1.76 0.86 -3.15
N ASN A 16 -2.19 -0.10 -3.99
CA ASN A 16 -3.60 -0.25 -4.29
C ASN A 16 -4.31 -1.00 -3.17
N GLU A 17 -3.54 -1.57 -2.26
CA GLU A 17 -4.11 -2.31 -1.14
C GLU A 17 -4.69 -1.37 -0.10
N CYS A 18 -3.98 -0.27 0.16
CA CYS A 18 -4.44 0.72 1.13
C CYS A 18 -4.51 2.11 0.51
N GLY A 19 -3.51 2.43 -0.31
CA GLY A 19 -3.49 3.73 -0.96
C GLY A 19 -2.23 4.51 -0.65
N LYS A 20 -1.27 3.85 0.00
CA LYS A 20 -0.01 4.49 0.35
C LYS A 20 0.78 4.89 -0.89
N THR A 21 1.85 5.64 -0.70
CA THR A 21 2.69 6.09 -1.79
C THR A 21 4.17 6.04 -1.42
N PHE A 22 5.02 5.72 -2.40
CA PHE A 22 6.45 5.65 -2.17
C PHE A 22 7.22 6.19 -3.37
N SER A 23 8.25 6.99 -3.09
CA SER A 23 9.07 7.59 -4.15
C SER A 23 9.72 6.50 -5.00
N HIS A 24 9.92 5.34 -4.40
CA HIS A 24 10.54 4.21 -5.10
C HIS A 24 9.66 2.97 -5.03
N SER A 25 9.90 2.02 -5.93
CA SER A 25 9.12 0.79 -5.96
C SER A 25 9.50 -0.12 -4.80
N ALA A 26 10.78 -0.44 -4.69
CA ALA A 26 11.27 -1.29 -3.62
C ALA A 26 10.48 -1.08 -2.34
N HIS A 27 10.18 0.18 -2.04
CA HIS A 27 9.42 0.52 -0.84
C HIS A 27 8.01 -0.04 -0.90
N LEU A 28 7.35 0.16 -2.04
CA LEU A 28 6.00 -0.34 -2.23
C LEU A 28 5.94 -1.86 -2.12
N SER A 29 6.67 -2.54 -3.00
CA SER A 29 6.70 -4.00 -2.99
C SER A 29 6.94 -4.53 -1.58
N LYS A 30 7.82 -3.87 -0.84
CA LYS A 30 8.14 -4.27 0.52
C LYS A 30 6.96 -4.01 1.46
N HIS A 31 6.33 -2.85 1.30
CA HIS A 31 5.19 -2.49 2.12
C HIS A 31 3.96 -3.32 1.75
N GLN A 32 4.03 -3.98 0.61
CA GLN A 32 2.93 -4.82 0.14
C GLN A 32 2.92 -6.17 0.86
N LEU A 33 4.11 -6.67 1.17
CA LEU A 33 4.24 -7.95 1.85
C LEU A 33 3.50 -7.93 3.18
N ILE A 34 3.19 -6.74 3.66
CA ILE A 34 2.48 -6.59 4.93
C ILE A 34 1.00 -6.87 4.77
N HIS A 35 0.48 -6.61 3.57
CA HIS A 35 -0.93 -6.84 3.28
C HIS A 35 -1.22 -8.33 3.10
N ALA A 36 -0.24 -9.06 2.54
CA ALA A 36 -0.39 -10.49 2.31
C ALA A 36 -0.13 -11.27 3.60
N GLY A 37 0.97 -10.96 4.27
CA GLY A 37 1.31 -11.65 5.50
C GLY A 37 1.31 -13.15 5.34
N GLU A 38 2.40 -13.70 4.83
CA GLU A 38 2.52 -15.14 4.62
C GLU A 38 3.44 -15.76 5.66
N ASN A 39 2.87 -16.51 6.60
CA ASN A 39 3.66 -17.16 7.64
C ASN A 39 2.88 -18.31 8.27
N PRO A 40 3.59 -19.37 8.66
CA PRO A 40 2.99 -20.55 9.28
C PRO A 40 2.46 -20.27 10.68
N SER A 41 2.76 -19.08 11.19
CA SER A 41 2.34 -18.68 12.52
C SER A 41 1.34 -17.52 12.45
N GLY A 42 0.39 -17.51 13.37
CA GLY A 42 -0.61 -16.44 13.40
C GLY A 42 -1.20 -16.23 14.78
N PRO A 43 -2.40 -15.64 14.83
CA PRO A 43 -3.09 -15.37 16.09
C PRO A 43 -3.59 -16.64 16.76
N SER A 44 -4.20 -16.49 17.94
CA SER A 44 -4.72 -17.63 18.68
C SER A 44 -5.44 -18.59 17.76
N SER A 45 -5.36 -19.88 18.08
CA SER A 45 -6.02 -20.91 17.27
C SER A 45 -7.49 -21.05 17.64
N GLY A 46 -7.75 -21.37 18.91
CA GLY A 46 -9.11 -21.52 19.37
C GLY A 46 -9.37 -20.80 20.68
ZN ZN B . -0.56 -0.81 1.46
N GLY A 1 -9.31 20.56 6.71
CA GLY A 1 -8.90 19.41 5.94
C GLY A 1 -7.90 19.76 4.85
N SER A 2 -7.22 18.76 4.32
CA SER A 2 -6.22 18.98 3.27
C SER A 2 -6.74 18.49 1.93
N SER A 3 -7.38 17.32 1.92
CA SER A 3 -7.92 16.74 0.70
C SER A 3 -9.34 17.24 0.45
N GLY A 4 -9.67 17.45 -0.83
CA GLY A 4 -10.99 17.93 -1.18
C GLY A 4 -11.36 17.60 -2.61
N SER A 5 -11.02 18.49 -3.53
CA SER A 5 -11.32 18.29 -4.95
C SER A 5 -10.68 17.00 -5.46
N SER A 6 -9.35 16.94 -5.38
CA SER A 6 -8.61 15.77 -5.85
C SER A 6 -7.68 15.24 -4.76
N GLY A 7 -7.37 13.96 -4.82
CA GLY A 7 -6.50 13.36 -3.83
C GLY A 7 -5.14 14.04 -3.76
N THR A 8 -4.28 13.57 -2.86
CA THR A 8 -2.96 14.14 -2.70
C THR A 8 -1.87 13.07 -2.87
N LYS A 9 -1.48 12.84 -4.11
CA LYS A 9 -0.45 11.84 -4.41
C LYS A 9 0.40 12.28 -5.60
N GLU A 10 1.71 12.08 -5.49
CA GLU A 10 2.63 12.45 -6.56
C GLU A 10 3.57 11.30 -6.89
N HIS A 11 4.03 10.60 -5.86
CA HIS A 11 4.95 9.47 -6.04
C HIS A 11 4.48 8.58 -7.19
N PRO A 12 5.45 8.03 -7.93
CA PRO A 12 5.16 7.15 -9.07
C PRO A 12 4.61 5.80 -8.63
N PHE A 13 4.71 5.52 -7.33
CA PHE A 13 4.21 4.26 -6.79
C PHE A 13 3.18 4.52 -5.69
N LYS A 14 1.99 3.96 -5.87
CA LYS A 14 0.92 4.11 -4.90
C LYS A 14 0.23 2.78 -4.61
N CYS A 15 0.32 2.33 -3.36
CA CYS A 15 -0.29 1.06 -2.96
C CYS A 15 -1.79 1.06 -3.26
N ASN A 16 -2.26 -0.01 -3.89
CA ASN A 16 -3.68 -0.13 -4.23
C ASN A 16 -4.43 -0.89 -3.15
N GLU A 17 -3.69 -1.57 -2.28
CA GLU A 17 -4.29 -2.34 -1.21
C GLU A 17 -4.87 -1.43 -0.13
N CYS A 18 -4.23 -0.27 0.05
CA CYS A 18 -4.69 0.70 1.05
C CYS A 18 -4.69 2.11 0.47
N GLY A 19 -3.63 2.45 -0.25
CA GLY A 19 -3.53 3.77 -0.85
C GLY A 19 -2.21 4.45 -0.54
N LYS A 20 -1.28 3.70 0.05
CA LYS A 20 0.02 4.25 0.40
C LYS A 20 0.74 4.79 -0.83
N THR A 21 1.85 5.51 -0.59
CA THR A 21 2.62 6.08 -1.68
C THR A 21 4.11 6.08 -1.36
N PHE A 22 4.92 5.70 -2.35
CA PHE A 22 6.36 5.65 -2.18
C PHE A 22 7.08 6.12 -3.44
N SER A 23 8.15 6.88 -3.24
CA SER A 23 8.92 7.40 -4.37
C SER A 23 9.48 6.26 -5.22
N HIS A 24 10.11 5.28 -4.57
CA HIS A 24 10.68 4.14 -5.27
C HIS A 24 9.80 2.91 -5.09
N SER A 25 9.90 1.97 -6.03
CA SER A 25 9.12 0.75 -5.97
C SER A 25 9.54 -0.13 -4.80
N ALA A 26 10.84 -0.40 -4.70
CA ALA A 26 11.38 -1.22 -3.63
C ALA A 26 10.62 -0.96 -2.33
N HIS A 27 10.27 0.29 -2.08
CA HIS A 27 9.54 0.65 -0.87
C HIS A 27 8.13 0.07 -0.88
N LEU A 28 7.44 0.23 -2.00
CA LEU A 28 6.08 -0.30 -2.15
C LEU A 28 6.07 -1.81 -2.02
N SER A 29 6.72 -2.49 -2.96
CA SER A 29 6.78 -3.94 -2.95
C SER A 29 6.97 -4.48 -1.54
N LYS A 30 7.83 -3.81 -0.78
CA LYS A 30 8.11 -4.21 0.59
C LYS A 30 6.89 -4.01 1.48
N HIS A 31 6.28 -2.83 1.38
CA HIS A 31 5.10 -2.52 2.18
C HIS A 31 3.91 -3.37 1.76
N GLN A 32 4.04 -4.02 0.60
CA GLN A 32 2.98 -4.89 0.09
C GLN A 32 2.98 -6.23 0.80
N LEU A 33 4.16 -6.70 1.17
CA LEU A 33 4.31 -7.99 1.85
C LEU A 33 3.55 -7.98 3.17
N ILE A 34 3.26 -6.79 3.68
CA ILE A 34 2.54 -6.65 4.94
C ILE A 34 1.06 -6.98 4.77
N HIS A 35 0.52 -6.64 3.60
CA HIS A 35 -0.89 -6.90 3.30
C HIS A 35 -1.14 -8.41 3.17
N ALA A 36 -0.13 -9.13 2.71
CA ALA A 36 -0.24 -10.57 2.52
C ALA A 36 0.33 -11.32 3.72
N GLY A 37 0.38 -12.64 3.62
CA GLY A 37 0.90 -13.46 4.70
C GLY A 37 0.19 -13.20 6.01
N GLU A 38 -1.14 -13.30 5.99
CA GLU A 38 -1.94 -13.08 7.18
C GLU A 38 -2.41 -14.41 7.78
N ASN A 39 -3.08 -15.21 6.97
CA ASN A 39 -3.58 -16.51 7.41
C ASN A 39 -3.94 -17.39 6.23
N PRO A 40 -3.88 -18.71 6.43
CA PRO A 40 -4.20 -19.69 5.39
C PRO A 40 -5.67 -19.72 5.04
N SER A 41 -5.99 -19.94 3.77
CA SER A 41 -7.37 -19.99 3.31
C SER A 41 -7.68 -21.33 2.65
N GLY A 42 -8.95 -21.71 2.69
CA GLY A 42 -9.36 -22.97 2.09
C GLY A 42 -10.03 -22.78 0.73
N PRO A 43 -9.82 -23.76 -0.16
CA PRO A 43 -10.39 -23.72 -1.52
C PRO A 43 -11.91 -23.91 -1.51
N SER A 44 -12.59 -23.23 -2.43
CA SER A 44 -14.04 -23.33 -2.52
C SER A 44 -14.48 -24.77 -2.79
N SER A 45 -15.76 -25.04 -2.55
CA SER A 45 -16.30 -26.38 -2.76
C SER A 45 -15.73 -27.01 -4.02
N GLY A 46 -14.82 -27.96 -3.83
CA GLY A 46 -14.20 -28.63 -4.97
C GLY A 46 -12.72 -28.88 -4.75
ZN ZN B . -0.71 -0.80 1.44
N GLY A 1 -20.22 12.92 6.41
CA GLY A 1 -20.72 13.46 5.16
C GLY A 1 -19.89 13.06 3.97
N SER A 2 -19.90 13.88 2.93
CA SER A 2 -19.14 13.59 1.72
C SER A 2 -18.49 14.86 1.17
N SER A 3 -17.38 14.69 0.46
CA SER A 3 -16.66 15.81 -0.11
C SER A 3 -16.17 15.48 -1.53
N GLY A 4 -15.52 16.46 -2.16
CA GLY A 4 -15.02 16.26 -3.50
C GLY A 4 -13.51 16.26 -3.56
N SER A 5 -12.94 15.50 -4.49
CA SER A 5 -11.50 15.41 -4.65
C SER A 5 -10.99 16.45 -5.64
N SER A 6 -9.75 16.86 -5.47
CA SER A 6 -9.15 17.86 -6.35
C SER A 6 -8.29 17.19 -7.43
N GLY A 7 -7.26 16.47 -6.99
CA GLY A 7 -6.38 15.79 -7.93
C GLY A 7 -4.95 16.28 -7.85
N THR A 8 -4.27 15.93 -6.76
CA THR A 8 -2.88 16.34 -6.57
C THR A 8 -1.92 15.25 -7.02
N LYS A 9 -0.78 15.66 -7.56
CA LYS A 9 0.23 14.72 -8.02
C LYS A 9 0.81 13.92 -6.87
N GLU A 10 1.10 12.64 -7.11
CA GLU A 10 1.66 11.77 -6.10
C GLU A 10 2.77 10.90 -6.67
N HIS A 11 3.56 10.28 -5.78
CA HIS A 11 4.65 9.41 -6.21
C HIS A 11 4.19 8.45 -7.29
N PRO A 12 5.15 7.95 -8.08
CA PRO A 12 4.87 7.01 -9.18
C PRO A 12 4.45 5.64 -8.66
N PHE A 13 4.62 5.42 -7.36
CA PHE A 13 4.27 4.15 -6.75
C PHE A 13 3.24 4.35 -5.64
N LYS A 14 2.01 3.92 -5.90
CA LYS A 14 0.93 4.05 -4.92
C LYS A 14 0.25 2.71 -4.68
N CYS A 15 0.25 2.27 -3.42
CA CYS A 15 -0.36 1.00 -3.05
C CYS A 15 -1.87 1.03 -3.33
N ASN A 16 -2.37 -0.05 -3.93
CA ASN A 16 -3.79 -0.16 -4.25
C ASN A 16 -4.54 -0.89 -3.15
N GLU A 17 -3.80 -1.53 -2.26
CA GLU A 17 -4.40 -2.28 -1.16
C GLU A 17 -4.93 -1.34 -0.09
N CYS A 18 -4.15 -0.30 0.22
CA CYS A 18 -4.55 0.68 1.23
C CYS A 18 -4.64 2.07 0.62
N GLY A 19 -3.65 2.44 -0.18
CA GLY A 19 -3.65 3.74 -0.81
C GLY A 19 -2.42 4.55 -0.46
N LYS A 20 -1.36 3.87 -0.05
CA LYS A 20 -0.11 4.54 0.32
C LYS A 20 0.69 4.91 -0.92
N THR A 21 1.78 5.65 -0.70
CA THR A 21 2.63 6.08 -1.80
C THR A 21 4.10 6.04 -1.40
N PHE A 22 4.96 5.66 -2.34
CA PHE A 22 6.40 5.58 -2.08
C PHE A 22 7.19 6.09 -3.28
N SER A 23 8.28 6.81 -3.00
CA SER A 23 9.13 7.36 -4.05
C SER A 23 9.65 6.26 -4.96
N HIS A 24 10.29 5.25 -4.35
CA HIS A 24 10.84 4.14 -5.11
C HIS A 24 9.92 2.92 -5.04
N SER A 25 10.07 2.01 -5.98
CA SER A 25 9.25 0.80 -6.02
C SER A 25 9.60 -0.13 -4.86
N ALA A 26 10.88 -0.37 -4.67
CA ALA A 26 11.34 -1.25 -3.60
C ALA A 26 10.54 -1.01 -2.32
N HIS A 27 10.27 0.25 -2.02
CA HIS A 27 9.50 0.61 -0.82
C HIS A 27 8.08 0.05 -0.90
N LEU A 28 7.44 0.24 -2.04
CA LEU A 28 6.07 -0.24 -2.25
C LEU A 28 6.02 -1.77 -2.16
N SER A 29 6.77 -2.44 -3.02
CA SER A 29 6.80 -3.89 -3.04
C SER A 29 7.00 -4.45 -1.63
N LYS A 30 7.89 -3.81 -0.86
CA LYS A 30 8.16 -4.24 0.51
C LYS A 30 6.94 -3.99 1.41
N HIS A 31 6.33 -2.83 1.25
CA HIS A 31 5.16 -2.47 2.05
C HIS A 31 3.97 -3.33 1.68
N GLN A 32 4.06 -4.02 0.54
CA GLN A 32 2.99 -4.89 0.08
C GLN A 32 2.99 -6.22 0.83
N LEU A 33 4.18 -6.70 1.17
CA LEU A 33 4.31 -7.96 1.89
C LEU A 33 3.55 -7.91 3.21
N ILE A 34 3.27 -6.70 3.68
CA ILE A 34 2.54 -6.53 4.94
C ILE A 34 1.07 -6.86 4.77
N HIS A 35 0.55 -6.65 3.56
CA HIS A 35 -0.84 -6.94 3.26
C HIS A 35 -1.07 -8.44 3.09
N ALA A 36 -0.07 -9.13 2.59
CA ALA A 36 -0.15 -10.57 2.37
C ALA A 36 0.05 -11.33 3.68
N GLY A 37 -0.72 -10.96 4.70
CA GLY A 37 -0.61 -11.61 6.00
C GLY A 37 0.80 -11.56 6.56
N GLU A 38 1.27 -12.69 7.07
CA GLU A 38 2.61 -12.76 7.64
C GLU A 38 2.90 -11.53 8.50
N ASN A 39 1.85 -10.94 9.05
CA ASN A 39 2.00 -9.75 9.89
C ASN A 39 1.11 -9.84 11.12
N PRO A 40 1.61 -9.32 12.25
CA PRO A 40 0.87 -9.33 13.52
C PRO A 40 -0.33 -8.39 13.50
N SER A 41 -0.51 -7.68 12.38
CA SER A 41 -1.61 -6.75 12.25
C SER A 41 -2.91 -7.48 11.95
N GLY A 42 -4.02 -6.75 11.99
CA GLY A 42 -5.32 -7.35 11.73
C GLY A 42 -6.23 -6.44 10.92
N PRO A 43 -7.54 -6.69 11.01
CA PRO A 43 -8.54 -5.89 10.29
C PRO A 43 -8.66 -4.48 10.84
N SER A 44 -8.43 -3.49 9.98
CA SER A 44 -8.51 -2.09 10.38
C SER A 44 -9.69 -1.40 9.69
N SER A 45 -9.66 -1.38 8.37
CA SER A 45 -10.73 -0.75 7.60
C SER A 45 -11.46 -1.77 6.74
N GLY A 46 -12.78 -1.60 6.60
CA GLY A 46 -13.56 -2.51 5.81
C GLY A 46 -14.81 -1.87 5.25
ZN ZN B . -0.66 -0.87 1.26
N GLY A 1 -16.34 25.58 -11.33
CA GLY A 1 -14.96 26.02 -11.37
C GLY A 1 -14.00 24.88 -11.63
N SER A 2 -13.36 24.90 -12.80
CA SER A 2 -12.41 23.85 -13.17
C SER A 2 -11.12 23.99 -12.39
N SER A 3 -10.21 23.03 -12.58
CA SER A 3 -8.92 23.04 -11.88
C SER A 3 -7.82 23.54 -12.81
N GLY A 4 -6.61 23.66 -12.27
CA GLY A 4 -5.48 24.12 -13.05
C GLY A 4 -4.24 23.30 -12.81
N SER A 5 -3.51 22.99 -13.88
CA SER A 5 -2.29 22.20 -13.78
C SER A 5 -1.12 23.07 -13.32
N SER A 6 -0.88 23.07 -12.01
CA SER A 6 0.20 23.86 -11.44
C SER A 6 1.25 22.96 -10.78
N GLY A 7 1.57 21.85 -11.45
CA GLY A 7 2.55 20.93 -10.91
C GLY A 7 2.01 20.11 -9.75
N THR A 8 2.06 18.80 -9.88
CA THR A 8 1.57 17.91 -8.84
C THR A 8 2.67 16.97 -8.34
N LYS A 9 2.96 17.05 -7.04
CA LYS A 9 4.00 16.21 -6.45
C LYS A 9 3.43 14.85 -6.04
N GLU A 10 3.38 13.93 -7.00
CA GLU A 10 2.85 12.60 -6.73
C GLU A 10 3.92 11.53 -6.99
N HIS A 11 3.86 10.44 -6.22
CA HIS A 11 4.82 9.36 -6.36
C HIS A 11 4.38 8.38 -7.45
N PRO A 12 5.36 7.84 -8.19
CA PRO A 12 5.10 6.88 -9.27
C PRO A 12 4.61 5.54 -8.74
N PHE A 13 4.67 5.36 -7.42
CA PHE A 13 4.25 4.12 -6.80
C PHE A 13 3.20 4.39 -5.73
N LYS A 14 2.01 3.83 -5.92
CA LYS A 14 0.92 4.01 -4.96
C LYS A 14 0.22 2.69 -4.67
N CYS A 15 0.27 2.26 -3.42
CA CYS A 15 -0.36 1.01 -3.01
C CYS A 15 -1.86 1.04 -3.29
N ASN A 16 -2.38 -0.06 -3.83
CA ASN A 16 -3.80 -0.15 -4.14
C ASN A 16 -4.55 -0.89 -3.03
N GLU A 17 -3.81 -1.54 -2.15
CA GLU A 17 -4.41 -2.28 -1.05
C GLU A 17 -4.92 -1.32 0.03
N CYS A 18 -4.13 -0.30 0.32
CA CYS A 18 -4.50 0.70 1.33
C CYS A 18 -4.62 2.08 0.71
N GLY A 19 -3.65 2.44 -0.12
CA GLY A 19 -3.66 3.74 -0.76
C GLY A 19 -2.43 4.57 -0.44
N LYS A 20 -1.36 3.89 -0.01
CA LYS A 20 -0.12 4.58 0.33
C LYS A 20 0.66 4.96 -0.93
N THR A 21 1.75 5.69 -0.73
CA THR A 21 2.58 6.11 -1.85
C THR A 21 4.06 6.12 -1.46
N PHE A 22 4.91 5.62 -2.36
CA PHE A 22 6.34 5.57 -2.12
C PHE A 22 7.12 6.10 -3.32
N SER A 23 8.15 6.89 -3.05
CA SER A 23 8.97 7.46 -4.11
C SER A 23 9.60 6.37 -4.96
N HIS A 24 10.14 5.34 -4.31
CA HIS A 24 10.77 4.22 -5.00
C HIS A 24 9.89 2.97 -4.92
N SER A 25 10.05 2.09 -5.90
CA SER A 25 9.28 0.85 -5.94
C SER A 25 9.66 -0.06 -4.78
N ALA A 26 10.96 -0.34 -4.65
CA ALA A 26 11.45 -1.20 -3.59
C ALA A 26 10.65 -1.02 -2.31
N HIS A 27 10.31 0.23 -2.00
CA HIS A 27 9.53 0.54 -0.80
C HIS A 27 8.13 -0.05 -0.89
N LEU A 28 7.48 0.15 -2.03
CA LEU A 28 6.13 -0.37 -2.25
C LEU A 28 6.12 -1.89 -2.22
N SER A 29 6.93 -2.50 -3.08
CA SER A 29 7.01 -3.96 -3.15
C SER A 29 7.29 -4.55 -1.77
N LYS A 30 7.84 -3.73 -0.88
CA LYS A 30 8.15 -4.18 0.48
C LYS A 30 6.97 -3.94 1.41
N HIS A 31 6.28 -2.82 1.21
CA HIS A 31 5.13 -2.47 2.04
C HIS A 31 3.92 -3.32 1.67
N GLN A 32 4.00 -3.99 0.52
CA GLN A 32 2.91 -4.84 0.05
C GLN A 32 2.89 -6.17 0.79
N LEU A 33 4.09 -6.68 1.10
CA LEU A 33 4.21 -7.94 1.82
C LEU A 33 3.43 -7.92 3.12
N ILE A 34 3.22 -6.73 3.66
CA ILE A 34 2.49 -6.56 4.91
C ILE A 34 1.02 -6.93 4.73
N HIS A 35 0.49 -6.66 3.54
CA HIS A 35 -0.90 -6.95 3.24
C HIS A 35 -1.11 -8.46 3.02
N ALA A 36 -0.09 -9.10 2.46
CA ALA A 36 -0.16 -10.54 2.21
C ALA A 36 0.14 -11.34 3.48
N GLY A 37 -0.78 -12.24 3.83
CA GLY A 37 -0.60 -13.04 5.02
C GLY A 37 -0.70 -14.53 4.74
N GLU A 38 0.42 -15.23 4.86
CA GLU A 38 0.46 -16.67 4.61
C GLU A 38 0.23 -17.45 5.90
N ASN A 39 -0.71 -16.98 6.71
CA ASN A 39 -1.02 -17.63 7.98
C ASN A 39 -2.37 -18.34 7.90
N PRO A 40 -2.41 -19.48 7.20
CA PRO A 40 -3.63 -20.27 7.03
C PRO A 40 -4.06 -20.95 8.32
N SER A 41 -5.27 -20.63 8.78
CA SER A 41 -5.80 -21.21 10.00
C SER A 41 -6.62 -22.45 9.71
N GLY A 42 -6.14 -23.28 8.80
CA GLY A 42 -6.84 -24.49 8.44
C GLY A 42 -8.27 -24.23 8.01
N PRO A 43 -8.43 -23.60 6.83
CA PRO A 43 -9.75 -23.27 6.28
C PRO A 43 -10.53 -24.51 5.84
N SER A 44 -9.92 -25.68 6.03
CA SER A 44 -10.55 -26.95 5.65
C SER A 44 -10.61 -27.90 6.84
N SER A 45 -9.48 -28.03 7.54
CA SER A 45 -9.40 -28.92 8.69
C SER A 45 -8.94 -28.16 9.93
N GLY A 46 -9.90 -27.65 10.69
CA GLY A 46 -9.58 -26.90 11.89
C GLY A 46 -10.33 -25.59 11.99
ZN ZN B . -0.65 -0.86 1.39
N GLY A 1 -5.36 29.27 14.29
CA GLY A 1 -4.06 28.88 13.79
C GLY A 1 -4.13 27.62 12.94
N SER A 2 -3.25 27.53 11.94
CA SER A 2 -3.22 26.38 11.05
C SER A 2 -1.79 25.97 10.74
N SER A 3 -1.44 24.74 11.07
CA SER A 3 -0.09 24.23 10.82
C SER A 3 -0.10 23.19 9.72
N GLY A 4 0.40 23.58 8.54
CA GLY A 4 0.45 22.67 7.41
C GLY A 4 0.99 21.30 7.80
N SER A 5 2.31 21.19 7.88
CA SER A 5 2.95 19.92 8.23
C SER A 5 2.44 18.79 7.34
N SER A 6 2.31 19.07 6.05
CA SER A 6 1.84 18.08 5.09
C SER A 6 2.99 17.47 4.30
N GLY A 7 2.72 16.38 3.62
CA GLY A 7 3.75 15.72 2.83
C GLY A 7 3.33 15.52 1.39
N THR A 8 4.26 15.73 0.46
CA THR A 8 3.98 15.56 -0.96
C THR A 8 3.63 14.12 -1.29
N LYS A 9 2.37 13.88 -1.62
CA LYS A 9 1.91 12.54 -1.97
C LYS A 9 1.85 12.35 -3.48
N GLU A 10 2.91 12.78 -4.16
CA GLU A 10 2.97 12.66 -5.61
C GLU A 10 4.05 11.66 -6.04
N HIS A 11 3.85 10.40 -5.65
CA HIS A 11 4.80 9.34 -5.98
C HIS A 11 4.24 8.43 -7.07
N PRO A 12 5.13 7.96 -7.96
CA PRO A 12 4.74 7.07 -9.06
C PRO A 12 4.35 5.68 -8.57
N PHE A 13 4.55 5.44 -7.28
CA PHE A 13 4.22 4.15 -6.69
C PHE A 13 3.21 4.31 -5.56
N LYS A 14 1.98 3.87 -5.80
CA LYS A 14 0.92 3.97 -4.80
C LYS A 14 0.31 2.60 -4.51
N CYS A 15 0.31 2.21 -3.24
CA CYS A 15 -0.24 0.93 -2.84
C CYS A 15 -1.74 0.86 -3.13
N ASN A 16 -2.14 -0.12 -3.92
CA ASN A 16 -3.54 -0.29 -4.28
C ASN A 16 -4.30 -1.04 -3.19
N GLU A 17 -3.54 -1.64 -2.26
CA GLU A 17 -4.15 -2.38 -1.16
C GLU A 17 -4.72 -1.44 -0.11
N CYS A 18 -4.02 -0.34 0.14
CA CYS A 18 -4.47 0.64 1.12
C CYS A 18 -4.58 2.03 0.49
N GLY A 19 -3.57 2.40 -0.29
CA GLY A 19 -3.58 3.70 -0.94
C GLY A 19 -2.34 4.52 -0.62
N LYS A 20 -1.35 3.88 0.00
CA LYS A 20 -0.11 4.55 0.37
C LYS A 20 0.66 4.98 -0.88
N THR A 21 1.83 5.57 -0.67
CA THR A 21 2.68 6.02 -1.77
C THR A 21 4.15 6.01 -1.39
N PHE A 22 5.00 5.68 -2.34
CA PHE A 22 6.44 5.64 -2.10
C PHE A 22 7.21 6.14 -3.32
N SER A 23 8.33 6.82 -3.06
CA SER A 23 9.16 7.36 -4.14
C SER A 23 10.14 6.30 -4.64
N HIS A 24 9.73 5.04 -4.55
CA HIS A 24 10.58 3.94 -5.00
C HIS A 24 9.82 2.61 -4.93
N SER A 25 9.79 1.89 -6.06
CA SER A 25 9.08 0.62 -6.13
C SER A 25 9.55 -0.31 -5.01
N ALA A 26 10.85 -0.27 -4.70
CA ALA A 26 11.41 -1.10 -3.65
C ALA A 26 10.62 -0.96 -2.35
N HIS A 27 10.24 0.27 -2.02
CA HIS A 27 9.48 0.55 -0.81
C HIS A 27 8.07 -0.02 -0.92
N LEU A 28 7.37 0.32 -1.99
CA LEU A 28 6.01 -0.15 -2.21
C LEU A 28 5.95 -1.68 -2.14
N SER A 29 6.71 -2.33 -3.01
CA SER A 29 6.75 -3.80 -3.05
C SER A 29 6.97 -4.37 -1.65
N LYS A 30 7.86 -3.74 -0.90
CA LYS A 30 8.16 -4.19 0.45
C LYS A 30 6.99 -3.92 1.40
N HIS A 31 6.34 -2.78 1.21
CA HIS A 31 5.20 -2.41 2.05
C HIS A 31 3.97 -3.23 1.68
N GLN A 32 4.03 -3.90 0.53
CA GLN A 32 2.92 -4.71 0.06
C GLN A 32 2.88 -6.05 0.79
N LEU A 33 4.06 -6.59 1.11
CA LEU A 33 4.15 -7.86 1.81
C LEU A 33 3.39 -7.82 3.13
N ILE A 34 3.21 -6.61 3.66
CA ILE A 34 2.48 -6.43 4.91
C ILE A 34 1.00 -6.75 4.74
N HIS A 35 0.50 -6.58 3.52
CA HIS A 35 -0.91 -6.85 3.22
C HIS A 35 -1.13 -8.33 2.97
N ALA A 36 -0.16 -8.97 2.31
CA ALA A 36 -0.25 -10.38 2.00
C ALA A 36 -0.50 -11.21 3.26
N GLY A 37 -1.67 -11.83 3.34
CA GLY A 37 -2.00 -12.64 4.50
C GLY A 37 -2.08 -11.83 5.77
N GLU A 38 -0.92 -11.43 6.30
CA GLU A 38 -0.85 -10.64 7.52
C GLU A 38 -2.02 -9.66 7.60
N ASN A 39 -2.94 -9.91 8.52
CA ASN A 39 -4.11 -9.06 8.68
C ASN A 39 -4.92 -9.46 9.91
N PRO A 40 -5.43 -8.46 10.65
CA PRO A 40 -6.23 -8.70 11.86
C PRO A 40 -7.59 -9.30 11.55
N SER A 41 -8.23 -9.86 12.57
CA SER A 41 -9.55 -10.47 12.40
C SER A 41 -10.41 -9.66 11.44
N GLY A 42 -10.66 -8.40 11.79
CA GLY A 42 -11.47 -7.54 10.94
C GLY A 42 -12.86 -8.10 10.72
N PRO A 43 -13.71 -7.31 10.03
CA PRO A 43 -15.09 -7.71 9.74
C PRO A 43 -15.16 -8.85 8.71
N SER A 44 -14.16 -8.91 7.84
CA SER A 44 -14.12 -9.94 6.80
C SER A 44 -13.73 -11.28 7.40
N SER A 45 -13.86 -12.34 6.61
CA SER A 45 -13.51 -13.69 7.07
C SER A 45 -12.02 -13.80 7.36
N GLY A 46 -11.20 -13.59 6.33
CA GLY A 46 -9.77 -13.68 6.50
C GLY A 46 -9.28 -15.10 6.65
ZN ZN B . -0.45 -0.80 1.56
N GLY A 1 -19.60 18.85 -14.70
CA GLY A 1 -19.38 17.57 -14.06
C GLY A 1 -18.64 17.69 -12.75
N SER A 2 -18.15 16.57 -12.23
CA SER A 2 -17.42 16.56 -10.97
C SER A 2 -16.30 15.52 -11.01
N SER A 3 -15.10 15.95 -10.61
CA SER A 3 -13.95 15.07 -10.60
C SER A 3 -14.26 13.75 -9.89
N GLY A 4 -14.72 13.86 -8.65
CA GLY A 4 -15.05 12.68 -7.88
C GLY A 4 -13.99 11.60 -7.97
N SER A 5 -12.76 11.96 -7.64
CA SER A 5 -11.64 11.02 -7.68
C SER A 5 -10.86 11.03 -6.38
N SER A 6 -9.88 10.13 -6.27
CA SER A 6 -9.06 10.03 -5.08
C SER A 6 -7.64 9.62 -5.42
N GLY A 7 -6.69 9.98 -4.56
CA GLY A 7 -5.31 9.65 -4.79
C GLY A 7 -4.48 10.84 -5.22
N THR A 8 -3.33 11.03 -4.59
CA THR A 8 -2.45 12.15 -4.92
C THR A 8 -1.41 11.74 -5.96
N LYS A 9 -0.87 12.74 -6.65
CA LYS A 9 0.15 12.48 -7.67
C LYS A 9 1.54 12.84 -7.16
N GLU A 10 1.81 12.48 -5.92
CA GLU A 10 3.10 12.75 -5.31
C GLU A 10 4.15 11.75 -5.79
N HIS A 11 3.95 10.48 -5.45
CA HIS A 11 4.88 9.43 -5.86
C HIS A 11 4.27 8.56 -6.96
N PRO A 12 5.13 8.09 -7.87
CA PRO A 12 4.70 7.24 -8.99
C PRO A 12 4.28 5.85 -8.54
N PHE A 13 4.57 5.53 -7.29
CA PHE A 13 4.22 4.23 -6.73
C PHE A 13 3.17 4.37 -5.62
N LYS A 14 1.99 3.79 -5.84
CA LYS A 14 0.92 3.86 -4.86
C LYS A 14 0.41 2.47 -4.53
N CYS A 15 0.29 2.17 -3.23
CA CYS A 15 -0.19 0.88 -2.77
C CYS A 15 -1.64 0.67 -3.13
N ASN A 16 -1.91 -0.33 -3.97
CA ASN A 16 -3.27 -0.63 -4.40
C ASN A 16 -4.00 -1.47 -3.36
N GLU A 17 -3.46 -1.48 -2.14
CA GLU A 17 -4.06 -2.25 -1.04
C GLU A 17 -4.58 -1.32 0.05
N CYS A 18 -3.94 -0.17 0.20
CA CYS A 18 -4.34 0.80 1.21
C CYS A 18 -4.46 2.19 0.60
N GLY A 19 -3.64 2.47 -0.40
CA GLY A 19 -3.67 3.77 -1.06
C GLY A 19 -2.47 4.63 -0.70
N LYS A 20 -1.45 4.00 -0.13
CA LYS A 20 -0.23 4.71 0.26
C LYS A 20 0.59 5.09 -0.96
N THR A 21 1.77 5.65 -0.72
CA THR A 21 2.66 6.07 -1.81
C THR A 21 4.12 5.99 -1.38
N PHE A 22 4.99 5.65 -2.33
CA PHE A 22 6.41 5.55 -2.05
C PHE A 22 7.23 6.06 -3.22
N SER A 23 8.28 6.82 -2.92
CA SER A 23 9.15 7.37 -3.95
C SER A 23 9.63 6.28 -4.91
N HIS A 24 10.24 5.25 -4.36
CA HIS A 24 10.74 4.14 -5.16
C HIS A 24 9.83 2.92 -5.05
N SER A 25 9.93 2.02 -6.00
CA SER A 25 9.10 0.81 -6.01
C SER A 25 9.48 -0.10 -4.85
N ALA A 26 10.75 -0.44 -4.75
CA ALA A 26 11.25 -1.31 -3.68
C ALA A 26 10.48 -1.06 -2.38
N HIS A 27 10.20 0.22 -2.11
CA HIS A 27 9.48 0.58 -0.89
C HIS A 27 8.05 0.05 -0.92
N LEU A 28 7.39 0.21 -2.06
CA LEU A 28 6.02 -0.26 -2.23
C LEU A 28 5.95 -1.78 -2.13
N SER A 29 6.62 -2.46 -3.06
CA SER A 29 6.63 -3.92 -3.08
C SER A 29 6.86 -4.48 -1.68
N LYS A 30 7.77 -3.86 -0.94
CA LYS A 30 8.10 -4.30 0.41
C LYS A 30 6.92 -4.04 1.35
N HIS A 31 6.35 -2.85 1.26
CA HIS A 31 5.22 -2.49 2.11
C HIS A 31 3.97 -3.29 1.72
N GLN A 32 4.02 -3.93 0.56
CA GLN A 32 2.91 -4.73 0.08
C GLN A 32 2.86 -6.09 0.78
N LEU A 33 4.03 -6.61 1.11
CA LEU A 33 4.13 -7.90 1.78
C LEU A 33 3.41 -7.87 3.13
N ILE A 34 3.19 -6.67 3.65
CA ILE A 34 2.51 -6.51 4.93
C ILE A 34 1.02 -6.78 4.79
N HIS A 35 0.48 -6.56 3.60
CA HIS A 35 -0.93 -6.79 3.33
C HIS A 35 -1.22 -8.28 3.14
N ALA A 36 -0.25 -8.98 2.55
CA ALA A 36 -0.40 -10.41 2.30
C ALA A 36 0.11 -11.22 3.49
N GLY A 37 -0.41 -12.44 3.63
CA GLY A 37 0.01 -13.30 4.73
C GLY A 37 -0.81 -14.57 4.81
N GLU A 38 -0.22 -15.69 4.39
CA GLU A 38 -0.90 -16.97 4.42
C GLU A 38 -0.46 -17.80 5.62
N ASN A 39 -1.34 -17.91 6.61
CA ASN A 39 -1.04 -18.67 7.82
C ASN A 39 -2.22 -19.56 8.21
N PRO A 40 -1.90 -20.73 8.77
CA PRO A 40 -2.93 -21.69 9.21
C PRO A 40 -3.70 -21.20 10.43
N SER A 41 -4.90 -20.67 10.17
CA SER A 41 -5.74 -20.15 11.24
C SER A 41 -7.20 -20.56 11.03
N GLY A 42 -7.98 -20.55 12.11
CA GLY A 42 -9.38 -20.92 12.03
C GLY A 42 -9.59 -22.24 11.30
N PRO A 43 -9.41 -23.35 12.03
CA PRO A 43 -9.58 -24.70 11.46
C PRO A 43 -11.03 -25.01 11.12
N SER A 44 -11.94 -24.19 11.63
CA SER A 44 -13.37 -24.39 11.38
C SER A 44 -13.64 -24.63 9.91
N SER A 45 -13.59 -25.90 9.51
CA SER A 45 -13.82 -26.28 8.12
C SER A 45 -14.06 -27.78 7.99
N GLY A 46 -14.84 -28.16 6.98
CA GLY A 46 -15.13 -29.57 6.77
C GLY A 46 -16.16 -30.10 7.75
ZN ZN B . -0.48 -0.73 1.67
N GLY A 1 -2.14 30.64 7.09
CA GLY A 1 -2.87 30.21 8.28
C GLY A 1 -3.66 28.94 8.03
N SER A 2 -4.45 28.93 6.97
CA SER A 2 -5.27 27.78 6.62
C SER A 2 -4.40 26.56 6.34
N SER A 3 -4.78 25.42 6.90
CA SER A 3 -4.03 24.18 6.71
C SER A 3 -4.96 23.02 6.40
N GLY A 4 -4.92 22.54 5.17
CA GLY A 4 -5.77 21.43 4.77
C GLY A 4 -5.15 20.59 3.67
N SER A 5 -3.84 20.36 3.76
CA SER A 5 -3.13 19.57 2.76
C SER A 5 -3.43 18.09 2.93
N SER A 6 -4.23 17.55 2.02
CA SER A 6 -4.59 16.13 2.06
C SER A 6 -4.40 15.48 0.70
N GLY A 7 -3.22 14.87 0.51
CA GLY A 7 -2.93 14.21 -0.75
C GLY A 7 -2.33 15.15 -1.77
N THR A 8 -1.27 15.86 -1.38
CA THR A 8 -0.60 16.80 -2.27
C THR A 8 0.54 16.14 -3.02
N LYS A 9 1.33 15.34 -2.31
CA LYS A 9 2.45 14.64 -2.91
C LYS A 9 1.97 13.51 -3.82
N GLU A 10 2.59 13.41 -4.99
CA GLU A 10 2.23 12.37 -5.96
C GLU A 10 3.44 11.54 -6.36
N HIS A 11 3.51 10.31 -5.88
CA HIS A 11 4.62 9.41 -6.18
C HIS A 11 4.24 8.45 -7.31
N PRO A 12 5.26 7.98 -8.04
CA PRO A 12 5.07 7.04 -9.15
C PRO A 12 4.63 5.66 -8.67
N PHE A 13 4.60 5.47 -7.35
CA PHE A 13 4.21 4.20 -6.77
C PHE A 13 3.18 4.40 -5.66
N LYS A 14 2.02 3.78 -5.82
CA LYS A 14 0.95 3.89 -4.85
C LYS A 14 0.36 2.52 -4.52
N CYS A 15 0.30 2.20 -3.23
CA CYS A 15 -0.25 0.91 -2.80
C CYS A 15 -1.75 0.84 -3.07
N ASN A 16 -2.14 -0.08 -3.94
CA ASN A 16 -3.55 -0.26 -4.30
C ASN A 16 -4.29 -1.01 -3.20
N GLU A 17 -3.54 -1.58 -2.26
CA GLU A 17 -4.12 -2.32 -1.16
C GLU A 17 -4.74 -1.38 -0.13
N CYS A 18 -4.03 -0.28 0.15
CA CYS A 18 -4.50 0.70 1.11
C CYS A 18 -4.57 2.09 0.49
N GLY A 19 -3.57 2.42 -0.32
CA GLY A 19 -3.54 3.72 -0.97
C GLY A 19 -2.28 4.51 -0.63
N LYS A 20 -1.32 3.84 -0.01
CA LYS A 20 -0.07 4.48 0.37
C LYS A 20 0.73 4.89 -0.86
N THR A 21 1.80 5.66 -0.65
CA THR A 21 2.64 6.12 -1.74
C THR A 21 4.12 6.07 -1.35
N PHE A 22 4.95 5.68 -2.31
CA PHE A 22 6.39 5.59 -2.08
C PHE A 22 7.17 6.10 -3.28
N SER A 23 8.17 6.94 -3.02
CA SER A 23 8.99 7.50 -4.09
C SER A 23 9.58 6.40 -4.96
N HIS A 24 10.13 5.38 -4.32
CA HIS A 24 10.73 4.26 -5.04
C HIS A 24 9.82 3.04 -5.00
N SER A 25 10.05 2.11 -5.91
CA SER A 25 9.24 0.89 -5.99
C SER A 25 9.57 -0.06 -4.85
N ALA A 26 10.85 -0.39 -4.71
CA ALA A 26 11.30 -1.29 -3.65
C ALA A 26 10.48 -1.09 -2.39
N HIS A 27 10.20 0.16 -2.05
CA HIS A 27 9.43 0.48 -0.86
C HIS A 27 8.01 -0.08 -0.97
N LEU A 28 7.34 0.23 -2.08
CA LEU A 28 5.98 -0.24 -2.30
C LEU A 28 5.91 -1.77 -2.24
N SER A 29 6.66 -2.43 -3.11
CA SER A 29 6.68 -3.89 -3.15
C SER A 29 6.87 -4.46 -1.75
N LYS A 30 7.75 -3.84 -0.97
CA LYS A 30 8.03 -4.28 0.38
C LYS A 30 6.82 -4.04 1.30
N HIS A 31 6.26 -2.84 1.20
CA HIS A 31 5.10 -2.47 2.01
C HIS A 31 3.89 -3.33 1.65
N GLN A 32 3.98 -4.02 0.53
CA GLN A 32 2.89 -4.88 0.07
C GLN A 32 2.89 -6.21 0.81
N LEU A 33 4.09 -6.69 1.16
CA LEU A 33 4.22 -7.94 1.88
C LEU A 33 3.53 -7.89 3.23
N ILE A 34 3.25 -6.68 3.70
CA ILE A 34 2.58 -6.48 4.97
C ILE A 34 1.09 -6.79 4.87
N HIS A 35 0.53 -6.55 3.69
CA HIS A 35 -0.89 -6.81 3.44
C HIS A 35 -1.16 -8.31 3.33
N ALA A 36 -0.18 -9.05 2.83
CA ALA A 36 -0.31 -10.49 2.67
C ALA A 36 0.18 -11.22 3.92
N GLY A 37 -0.30 -12.45 4.10
CA GLY A 37 0.09 -13.24 5.26
C GLY A 37 1.14 -14.29 4.92
N GLU A 38 2.40 -13.89 4.99
CA GLU A 38 3.51 -14.79 4.70
C GLU A 38 3.19 -16.21 5.17
N ASN A 39 2.87 -16.34 6.46
CA ASN A 39 2.56 -17.63 7.05
C ASN A 39 1.32 -17.54 7.93
N PRO A 40 0.45 -18.56 7.86
CA PRO A 40 -0.77 -18.61 8.65
C PRO A 40 -0.52 -18.82 10.13
N SER A 41 -0.41 -17.73 10.86
CA SER A 41 -0.15 -17.78 12.30
C SER A 41 -1.04 -16.79 13.06
N GLY A 42 -2.06 -17.33 13.73
CA GLY A 42 -2.97 -16.47 14.48
C GLY A 42 -4.23 -17.21 14.90
N PRO A 43 -5.24 -16.46 15.33
CA PRO A 43 -6.52 -17.02 15.77
C PRO A 43 -7.33 -17.61 14.63
N SER A 44 -8.44 -18.25 14.95
CA SER A 44 -9.29 -18.87 13.94
C SER A 44 -9.96 -17.81 13.07
N SER A 45 -9.94 -18.03 11.76
CA SER A 45 -10.54 -17.09 10.82
C SER A 45 -10.69 -17.72 9.44
N GLY A 46 -11.75 -17.34 8.74
CA GLY A 46 -11.99 -17.89 7.41
C GLY A 46 -10.75 -17.83 6.54
ZN ZN B . -0.66 -0.88 1.63
N GLY A 1 -22.35 17.55 -0.31
CA GLY A 1 -21.82 18.75 -0.94
C GLY A 1 -20.57 19.25 -0.26
N SER A 2 -19.69 18.34 0.12
CA SER A 2 -18.45 18.69 0.79
C SER A 2 -17.26 18.01 0.13
N SER A 3 -16.09 18.64 0.20
CA SER A 3 -14.88 18.09 -0.39
C SER A 3 -14.51 16.76 0.26
N GLY A 4 -14.51 15.69 -0.54
CA GLY A 4 -14.18 14.38 -0.03
C GLY A 4 -13.58 13.48 -1.08
N SER A 5 -12.64 14.02 -1.86
CA SER A 5 -12.00 13.26 -2.91
C SER A 5 -10.48 13.26 -2.73
N SER A 6 -9.98 12.29 -1.96
CA SER A 6 -8.55 12.17 -1.69
C SER A 6 -7.80 11.80 -2.96
N GLY A 7 -6.84 12.64 -3.33
CA GLY A 7 -6.06 12.40 -4.53
C GLY A 7 -4.66 12.96 -4.44
N THR A 8 -3.67 12.08 -4.28
CA THR A 8 -2.28 12.49 -4.17
C THR A 8 -1.39 11.74 -5.16
N LYS A 9 -0.82 12.47 -6.12
CA LYS A 9 0.04 11.87 -7.12
C LYS A 9 1.49 12.34 -6.94
N GLU A 10 1.95 12.33 -5.70
CA GLU A 10 3.32 12.75 -5.40
C GLU A 10 4.33 11.72 -5.89
N HIS A 11 4.21 10.49 -5.37
CA HIS A 11 5.11 9.41 -5.75
C HIS A 11 4.51 8.58 -6.89
N PRO A 12 5.38 8.09 -7.78
CA PRO A 12 4.97 7.27 -8.93
C PRO A 12 4.47 5.89 -8.51
N PHE A 13 4.72 5.54 -7.26
CA PHE A 13 4.31 4.24 -6.72
C PHE A 13 3.25 4.42 -5.63
N LYS A 14 2.06 3.88 -5.87
CA LYS A 14 0.97 3.97 -4.91
C LYS A 14 0.38 2.60 -4.61
N CYS A 15 0.30 2.26 -3.33
CA CYS A 15 -0.24 0.97 -2.91
C CYS A 15 -1.73 0.88 -3.22
N ASN A 16 -2.14 -0.20 -3.87
CA ASN A 16 -3.54 -0.41 -4.22
C ASN A 16 -4.27 -1.16 -3.11
N GLU A 17 -3.51 -1.70 -2.18
CA GLU A 17 -4.09 -2.44 -1.06
C GLU A 17 -4.66 -1.50 -0.01
N CYS A 18 -4.02 -0.35 0.15
CA CYS A 18 -4.46 0.65 1.12
C CYS A 18 -4.60 2.02 0.47
N GLY A 19 -3.63 2.38 -0.36
CA GLY A 19 -3.66 3.66 -1.03
C GLY A 19 -2.48 4.54 -0.67
N LYS A 20 -1.43 3.92 -0.14
CA LYS A 20 -0.23 4.65 0.25
C LYS A 20 0.61 5.02 -0.97
N THR A 21 1.79 5.59 -0.73
CA THR A 21 2.68 5.98 -1.81
C THR A 21 4.14 5.86 -1.38
N PHE A 22 5.03 5.65 -2.35
CA PHE A 22 6.45 5.53 -2.08
C PHE A 22 7.28 6.02 -3.26
N SER A 23 8.28 6.86 -2.97
CA SER A 23 9.14 7.40 -4.00
C SER A 23 9.68 6.30 -4.90
N HIS A 24 10.29 5.29 -4.30
CA HIS A 24 10.85 4.17 -5.04
C HIS A 24 9.92 2.96 -4.98
N SER A 25 10.01 2.10 -5.99
CA SER A 25 9.17 0.91 -6.05
C SER A 25 9.50 -0.04 -4.91
N ALA A 26 10.78 -0.42 -4.80
CA ALA A 26 11.21 -1.32 -3.74
C ALA A 26 10.42 -1.10 -2.46
N HIS A 27 10.13 0.16 -2.17
CA HIS A 27 9.37 0.51 -0.97
C HIS A 27 7.95 -0.02 -1.05
N LEU A 28 7.29 0.23 -2.17
CA LEU A 28 5.92 -0.23 -2.37
C LEU A 28 5.82 -1.75 -2.24
N SER A 29 6.60 -2.45 -3.07
CA SER A 29 6.60 -3.91 -3.04
C SER A 29 6.86 -4.44 -1.63
N LYS A 30 7.79 -3.80 -0.94
CA LYS A 30 8.14 -4.20 0.43
C LYS A 30 6.97 -3.93 1.38
N HIS A 31 6.27 -2.83 1.16
CA HIS A 31 5.13 -2.46 1.99
C HIS A 31 3.91 -3.31 1.65
N GLN A 32 3.97 -3.98 0.50
CA GLN A 32 2.87 -4.82 0.05
C GLN A 32 2.86 -6.16 0.79
N LEU A 33 4.05 -6.64 1.15
CA LEU A 33 4.17 -7.90 1.87
C LEU A 33 3.45 -7.85 3.20
N ILE A 34 3.28 -6.63 3.73
CA ILE A 34 2.59 -6.45 5.01
C ILE A 34 1.12 -6.81 4.90
N HIS A 35 0.53 -6.51 3.74
CA HIS A 35 -0.88 -6.81 3.51
C HIS A 35 -1.12 -8.32 3.41
N ALA A 36 -0.14 -9.02 2.85
CA ALA A 36 -0.23 -10.47 2.70
C ALA A 36 0.32 -11.19 3.92
N GLY A 37 0.06 -10.63 5.10
CA GLY A 37 0.54 -11.24 6.33
C GLY A 37 -0.43 -12.26 6.89
N GLU A 38 -1.59 -12.38 6.24
CA GLU A 38 -2.61 -13.33 6.69
C GLU A 38 -2.41 -14.69 6.02
N ASN A 39 -1.16 -15.15 5.98
CA ASN A 39 -0.84 -16.43 5.38
C ASN A 39 0.06 -17.26 6.29
N PRO A 40 -0.46 -17.62 7.47
CA PRO A 40 0.28 -18.41 8.46
C PRO A 40 0.49 -19.84 8.01
N SER A 41 1.36 -20.56 8.71
CA SER A 41 1.65 -21.95 8.38
C SER A 41 1.55 -22.83 9.62
N GLY A 42 0.52 -22.59 10.43
CA GLY A 42 0.34 -23.38 11.64
C GLY A 42 -1.03 -24.04 11.69
N PRO A 43 -2.06 -23.26 12.08
CA PRO A 43 -3.43 -23.74 12.18
C PRO A 43 -4.04 -24.03 10.81
N SER A 44 -3.30 -23.72 9.76
CA SER A 44 -3.78 -23.93 8.40
C SER A 44 -3.84 -25.43 8.08
N SER A 45 -4.20 -25.74 6.84
CA SER A 45 -4.29 -27.14 6.40
C SER A 45 -2.97 -27.85 6.59
N GLY A 46 -1.89 -27.24 6.12
CA GLY A 46 -0.57 -27.84 6.25
C GLY A 46 0.34 -27.05 7.16
ZN ZN B . -0.69 -0.80 1.54
N GLY A 1 -7.70 23.01 10.54
CA GLY A 1 -7.47 21.67 10.04
C GLY A 1 -7.55 21.59 8.53
N SER A 2 -6.42 21.34 7.89
CA SER A 2 -6.37 21.25 6.43
C SER A 2 -5.21 20.35 5.99
N SER A 3 -5.50 19.44 5.06
CA SER A 3 -4.50 18.51 4.55
C SER A 3 -4.47 18.52 3.03
N GLY A 4 -3.29 18.74 2.45
CA GLY A 4 -3.16 18.77 1.01
C GLY A 4 -3.99 19.86 0.37
N SER A 5 -3.31 20.77 -0.33
CA SER A 5 -3.99 21.89 -0.98
C SER A 5 -4.79 21.40 -2.18
N SER A 6 -4.14 20.66 -3.07
CA SER A 6 -4.79 20.14 -4.27
C SER A 6 -4.68 18.62 -4.32
N GLY A 7 -5.34 18.01 -5.30
CA GLY A 7 -5.31 16.57 -5.46
C GLY A 7 -4.51 16.14 -6.67
N THR A 8 -3.22 16.47 -6.68
CA THR A 8 -2.35 16.11 -7.79
C THR A 8 -1.47 14.91 -7.45
N LYS A 9 -0.98 14.23 -8.48
CA LYS A 9 -0.13 13.06 -8.27
C LYS A 9 1.09 13.41 -7.42
N GLU A 10 1.57 12.43 -6.66
CA GLU A 10 2.72 12.64 -5.80
C GLU A 10 3.86 11.68 -6.18
N HIS A 11 3.66 10.40 -5.90
CA HIS A 11 4.67 9.39 -6.21
C HIS A 11 4.15 8.44 -7.28
N PRO A 12 5.08 7.95 -8.13
CA PRO A 12 4.74 7.02 -9.21
C PRO A 12 4.36 5.63 -8.70
N PHE A 13 4.57 5.42 -7.40
CA PHE A 13 4.24 4.15 -6.78
C PHE A 13 3.19 4.32 -5.69
N LYS A 14 2.00 3.78 -5.94
CA LYS A 14 0.90 3.88 -4.99
C LYS A 14 0.35 2.49 -4.65
N CYS A 15 0.17 2.23 -3.36
CA CYS A 15 -0.36 0.95 -2.90
C CYS A 15 -1.88 0.89 -3.05
N ASN A 16 -2.35 0.07 -3.97
CA ASN A 16 -3.78 -0.08 -4.21
C ASN A 16 -4.45 -0.80 -3.05
N GLU A 17 -3.66 -1.54 -2.28
CA GLU A 17 -4.18 -2.28 -1.14
C GLU A 17 -4.77 -1.34 -0.09
N CYS A 18 -4.03 -0.28 0.22
CA CYS A 18 -4.49 0.70 1.20
C CYS A 18 -4.57 2.09 0.58
N GLY A 19 -3.58 2.42 -0.25
CA GLY A 19 -3.57 3.72 -0.90
C GLY A 19 -2.32 4.53 -0.56
N LYS A 20 -1.32 3.84 -0.01
CA LYS A 20 -0.08 4.50 0.36
C LYS A 20 0.70 4.92 -0.88
N THR A 21 1.80 5.65 -0.67
CA THR A 21 2.64 6.10 -1.77
C THR A 21 4.11 6.08 -1.39
N PHE A 22 4.95 5.67 -2.32
CA PHE A 22 6.39 5.61 -2.08
C PHE A 22 7.17 6.14 -3.29
N SER A 23 8.26 6.85 -3.02
CA SER A 23 9.09 7.40 -4.08
C SER A 23 9.64 6.30 -4.97
N HIS A 24 10.22 5.27 -4.36
CA HIS A 24 10.79 4.15 -5.09
C HIS A 24 9.89 2.93 -5.00
N SER A 25 10.05 2.00 -5.94
CA SER A 25 9.24 0.79 -5.96
C SER A 25 9.60 -0.12 -4.78
N ALA A 26 10.88 -0.42 -4.65
CA ALA A 26 11.35 -1.28 -3.56
C ALA A 26 10.54 -1.05 -2.30
N HIS A 27 10.25 0.21 -2.00
CA HIS A 27 9.49 0.57 -0.81
C HIS A 27 8.07 0.00 -0.89
N LEU A 28 7.42 0.22 -2.03
CA LEU A 28 6.06 -0.28 -2.24
C LEU A 28 6.00 -1.79 -2.14
N SER A 29 6.76 -2.47 -3.00
CA SER A 29 6.79 -3.93 -3.01
C SER A 29 7.01 -4.47 -1.59
N LYS A 30 7.87 -3.81 -0.84
CA LYS A 30 8.16 -4.22 0.53
C LYS A 30 6.97 -3.97 1.45
N HIS A 31 6.34 -2.80 1.29
CA HIS A 31 5.18 -2.44 2.10
C HIS A 31 3.97 -3.28 1.72
N GLN A 32 4.05 -3.94 0.56
CA GLN A 32 2.96 -4.78 0.09
C GLN A 32 2.94 -6.12 0.82
N LEU A 33 4.14 -6.64 1.11
CA LEU A 33 4.27 -7.92 1.80
C LEU A 33 3.49 -7.91 3.11
N ILE A 34 3.23 -6.72 3.64
CA ILE A 34 2.50 -6.57 4.88
C ILE A 34 1.02 -6.89 4.68
N HIS A 35 0.51 -6.62 3.48
CA HIS A 35 -0.89 -6.89 3.17
C HIS A 35 -1.12 -8.37 2.92
N ALA A 36 -0.14 -9.02 2.29
CA ALA A 36 -0.24 -10.44 1.99
C ALA A 36 -0.53 -11.25 3.26
N GLY A 37 -0.56 -12.57 3.12
CA GLY A 37 -0.83 -13.43 4.26
C GLY A 37 -0.19 -12.92 5.54
N GLU A 38 1.10 -12.66 5.49
CA GLU A 38 1.84 -12.16 6.64
C GLU A 38 1.20 -10.87 7.18
N ASN A 39 0.14 -11.02 7.96
CA ASN A 39 -0.55 -9.87 8.53
C ASN A 39 -1.16 -10.22 9.88
N PRO A 40 -1.19 -9.23 10.79
CA PRO A 40 -1.75 -9.40 12.13
C PRO A 40 -3.26 -9.58 12.13
N SER A 41 -3.83 -9.82 13.31
CA SER A 41 -5.27 -10.01 13.43
C SER A 41 -5.95 -8.72 13.85
N GLY A 42 -7.25 -8.63 13.58
CA GLY A 42 -8.01 -7.44 13.94
C GLY A 42 -9.48 -7.55 13.59
N PRO A 43 -10.15 -6.39 13.46
CA PRO A 43 -11.57 -6.35 13.12
C PRO A 43 -11.84 -6.77 11.68
N SER A 44 -12.97 -7.44 11.46
CA SER A 44 -13.34 -7.90 10.13
C SER A 44 -14.83 -8.18 10.05
N SER A 45 -15.53 -7.38 9.24
CA SER A 45 -16.97 -7.52 9.08
C SER A 45 -17.32 -8.90 8.53
N GLY A 46 -17.79 -9.79 9.41
CA GLY A 46 -18.15 -11.13 9.01
C GLY A 46 -18.16 -12.11 10.17
ZN ZN B . -0.62 -0.78 1.42
N GLY A 1 -21.47 16.75 -14.08
CA GLY A 1 -20.12 16.89 -14.58
C GLY A 1 -19.13 17.28 -13.49
N SER A 2 -17.92 16.75 -13.57
CA SER A 2 -16.89 17.04 -12.58
C SER A 2 -15.64 17.59 -13.25
N SER A 3 -15.83 18.48 -14.23
CA SER A 3 -14.72 19.09 -14.94
C SER A 3 -13.97 20.08 -14.06
N GLY A 4 -12.71 20.33 -14.40
CA GLY A 4 -11.91 21.26 -13.63
C GLY A 4 -11.13 20.58 -12.53
N SER A 5 -10.48 19.46 -12.87
CA SER A 5 -9.70 18.70 -11.89
C SER A 5 -8.25 19.19 -11.87
N SER A 6 -7.69 19.29 -10.68
CA SER A 6 -6.31 19.75 -10.51
C SER A 6 -5.34 18.58 -10.66
N GLY A 7 -4.27 18.81 -11.43
CA GLY A 7 -3.28 17.77 -11.65
C GLY A 7 -2.83 17.11 -10.36
N THR A 8 -2.64 15.80 -10.41
CA THR A 8 -2.21 15.05 -9.23
C THR A 8 -0.86 14.38 -9.47
N LYS A 9 0.21 15.17 -9.43
CA LYS A 9 1.56 14.66 -9.63
C LYS A 9 2.14 14.12 -8.33
N GLU A 10 1.88 12.84 -8.05
CA GLU A 10 2.38 12.21 -6.84
C GLU A 10 3.35 11.08 -7.17
N HIS A 11 3.94 10.49 -6.14
CA HIS A 11 4.88 9.39 -6.32
C HIS A 11 4.39 8.43 -7.39
N PRO A 12 5.34 7.88 -8.17
CA PRO A 12 5.03 6.93 -9.24
C PRO A 12 4.55 5.58 -8.71
N PHE A 13 4.71 5.38 -7.41
CA PHE A 13 4.30 4.14 -6.77
C PHE A 13 3.25 4.40 -5.69
N LYS A 14 2.05 3.84 -5.89
CA LYS A 14 0.96 4.01 -4.94
C LYS A 14 0.25 2.69 -4.68
N CYS A 15 0.27 2.25 -3.43
CA CYS A 15 -0.38 1.00 -3.05
C CYS A 15 -1.88 1.05 -3.33
N ASN A 16 -2.42 -0.04 -3.86
CA ASN A 16 -3.84 -0.13 -4.17
C ASN A 16 -4.60 -0.84 -3.06
N GLU A 17 -3.86 -1.53 -2.19
CA GLU A 17 -4.48 -2.26 -1.09
C GLU A 17 -4.98 -1.30 -0.01
N CYS A 18 -4.15 -0.31 0.32
CA CYS A 18 -4.51 0.67 1.34
C CYS A 18 -4.61 2.06 0.73
N GLY A 19 -3.64 2.41 -0.12
CA GLY A 19 -3.64 3.71 -0.75
C GLY A 19 -2.40 4.52 -0.42
N LYS A 20 -1.34 3.83 0.00
CA LYS A 20 -0.08 4.49 0.36
C LYS A 20 0.70 4.86 -0.89
N THR A 21 1.78 5.62 -0.71
CA THR A 21 2.62 6.04 -1.82
C THR A 21 4.09 6.02 -1.44
N PHE A 22 4.95 5.67 -2.40
CA PHE A 22 6.38 5.61 -2.16
C PHE A 22 7.15 6.12 -3.38
N SER A 23 8.20 6.90 -3.12
CA SER A 23 9.02 7.45 -4.19
C SER A 23 9.64 6.34 -5.03
N HIS A 24 10.17 5.33 -4.36
CA HIS A 24 10.80 4.20 -5.05
C HIS A 24 9.92 2.95 -4.95
N SER A 25 10.08 2.06 -5.91
CA SER A 25 9.30 0.82 -5.93
C SER A 25 9.66 -0.07 -4.76
N ALA A 26 10.96 -0.35 -4.62
CA ALA A 26 11.45 -1.18 -3.53
C ALA A 26 10.62 -0.98 -2.26
N HIS A 27 10.27 0.27 -1.99
CA HIS A 27 9.48 0.60 -0.80
C HIS A 27 8.08 -0.01 -0.91
N LEU A 28 7.41 0.26 -2.03
CA LEU A 28 6.05 -0.26 -2.24
C LEU A 28 6.03 -1.78 -2.15
N SER A 29 6.76 -2.44 -3.05
CA SER A 29 6.83 -3.89 -3.07
C SER A 29 7.00 -4.44 -1.66
N LYS A 30 7.88 -3.82 -0.89
CA LYS A 30 8.15 -4.24 0.48
C LYS A 30 6.95 -4.00 1.37
N HIS A 31 6.32 -2.84 1.21
CA HIS A 31 5.15 -2.48 2.00
C HIS A 31 3.96 -3.36 1.63
N GLN A 32 4.07 -4.05 0.50
CA GLN A 32 2.99 -4.92 0.03
C GLN A 32 3.00 -6.24 0.78
N LEU A 33 4.18 -6.68 1.20
CA LEU A 33 4.33 -7.94 1.92
C LEU A 33 3.54 -7.90 3.22
N ILE A 34 3.20 -6.69 3.67
CA ILE A 34 2.45 -6.52 4.91
C ILE A 34 0.98 -6.86 4.71
N HIS A 35 0.50 -6.69 3.48
CA HIS A 35 -0.90 -6.98 3.16
C HIS A 35 -1.10 -8.48 2.98
N ALA A 36 -0.07 -9.17 2.51
CA ALA A 36 -0.16 -10.61 2.31
C ALA A 36 -0.05 -11.35 3.63
N GLY A 37 1.03 -11.10 4.37
CA GLY A 37 1.22 -11.76 5.65
C GLY A 37 1.72 -13.19 5.49
N GLU A 38 2.64 -13.59 6.36
CA GLU A 38 3.19 -14.94 6.32
C GLU A 38 2.47 -15.86 7.30
N ASN A 39 2.22 -15.35 8.50
CA ASN A 39 1.54 -16.12 9.53
C ASN A 39 0.36 -15.33 10.11
N PRO A 40 -0.73 -15.26 9.34
CA PRO A 40 -1.94 -14.55 9.76
C PRO A 40 -2.66 -15.25 10.90
N SER A 41 -3.56 -14.52 11.56
CA SER A 41 -4.31 -15.08 12.68
C SER A 41 -5.82 -15.03 12.39
N GLY A 42 -6.35 -16.14 11.89
CA GLY A 42 -7.76 -16.22 11.57
C GLY A 42 -8.30 -17.63 11.67
N PRO A 43 -9.63 -17.76 11.57
CA PRO A 43 -10.31 -19.06 11.65
C PRO A 43 -10.04 -19.93 10.42
N SER A 44 -10.69 -21.08 10.36
CA SER A 44 -10.52 -22.01 9.25
C SER A 44 -11.09 -21.42 7.96
N SER A 45 -10.59 -21.90 6.82
CA SER A 45 -11.05 -21.42 5.52
C SER A 45 -11.47 -22.58 4.63
N GLY A 46 -10.53 -23.50 4.39
CA GLY A 46 -10.82 -24.65 3.55
C GLY A 46 -10.08 -24.60 2.23
ZN ZN B . -0.65 -0.88 1.30
N GLY A 1 -21.44 13.42 -0.80
CA GLY A 1 -20.16 13.71 -0.16
C GLY A 1 -19.04 13.90 -1.15
N SER A 2 -19.11 14.98 -1.92
CA SER A 2 -18.09 15.27 -2.92
C SER A 2 -16.70 15.01 -2.37
N SER A 3 -16.45 15.45 -1.14
CA SER A 3 -15.16 15.27 -0.50
C SER A 3 -14.54 13.92 -0.90
N GLY A 4 -13.22 13.92 -1.10
CA GLY A 4 -12.54 12.70 -1.48
C GLY A 4 -11.71 12.88 -2.74
N SER A 5 -12.30 13.52 -3.75
CA SER A 5 -11.61 13.74 -5.01
C SER A 5 -10.15 14.10 -4.78
N SER A 6 -9.91 15.02 -3.85
CA SER A 6 -8.56 15.45 -3.53
C SER A 6 -7.58 14.27 -3.58
N GLY A 7 -6.55 14.40 -4.41
CA GLY A 7 -5.57 13.35 -4.54
C GLY A 7 -4.54 13.64 -5.63
N THR A 8 -3.33 13.99 -5.21
CA THR A 8 -2.26 14.30 -6.15
C THR A 8 -1.28 13.13 -6.28
N LYS A 9 -0.75 12.95 -7.48
CA LYS A 9 0.20 11.87 -7.74
C LYS A 9 1.64 12.35 -7.55
N GLU A 10 2.08 12.40 -6.30
CA GLU A 10 3.43 12.84 -5.98
C GLU A 10 4.44 11.74 -6.30
N HIS A 11 4.17 10.53 -5.83
CA HIS A 11 5.06 9.39 -6.06
C HIS A 11 4.52 8.52 -7.18
N PRO A 12 5.44 7.95 -7.98
CA PRO A 12 5.08 7.08 -9.10
C PRO A 12 4.53 5.73 -8.63
N PHE A 13 4.69 5.44 -7.35
CA PHE A 13 4.21 4.19 -6.78
C PHE A 13 3.16 4.46 -5.70
N LYS A 14 1.97 3.90 -5.90
CA LYS A 14 0.87 4.06 -4.96
C LYS A 14 0.19 2.73 -4.68
N CYS A 15 0.27 2.28 -3.43
CA CYS A 15 -0.35 1.02 -3.03
C CYS A 15 -1.85 1.05 -3.29
N ASN A 16 -2.36 -0.05 -3.84
CA ASN A 16 -3.79 -0.16 -4.13
C ASN A 16 -4.53 -0.89 -3.01
N GLU A 17 -3.77 -1.58 -2.17
CA GLU A 17 -4.35 -2.32 -1.06
C GLU A 17 -4.84 -1.38 0.03
N CYS A 18 -4.10 -0.30 0.25
CA CYS A 18 -4.45 0.69 1.26
C CYS A 18 -4.56 2.09 0.65
N GLY A 19 -3.61 2.41 -0.22
CA GLY A 19 -3.62 3.72 -0.86
C GLY A 19 -2.38 4.53 -0.56
N LYS A 20 -1.34 3.86 -0.04
CA LYS A 20 -0.10 4.52 0.30
C LYS A 20 0.68 4.90 -0.95
N THR A 21 1.76 5.66 -0.76
CA THR A 21 2.60 6.09 -1.88
C THR A 21 4.07 6.10 -1.50
N PHE A 22 4.92 5.63 -2.42
CA PHE A 22 6.35 5.58 -2.18
C PHE A 22 7.12 6.08 -3.39
N SER A 23 8.14 6.90 -3.13
CA SER A 23 8.95 7.47 -4.20
C SER A 23 9.58 6.36 -5.04
N HIS A 24 10.08 5.33 -4.37
CA HIS A 24 10.71 4.20 -5.05
C HIS A 24 9.84 2.95 -4.96
N SER A 25 10.05 2.03 -5.89
CA SER A 25 9.28 0.78 -5.91
C SER A 25 9.65 -0.12 -4.74
N ALA A 26 10.94 -0.41 -4.62
CA ALA A 26 11.44 -1.25 -3.55
C ALA A 26 10.63 -1.05 -2.26
N HIS A 27 10.27 0.21 -2.00
CA HIS A 27 9.49 0.53 -0.81
C HIS A 27 8.09 -0.06 -0.89
N LEU A 28 7.40 0.20 -2.00
CA LEU A 28 6.05 -0.30 -2.21
C LEU A 28 6.02 -1.82 -2.14
N SER A 29 6.77 -2.46 -3.03
CA SER A 29 6.83 -3.93 -3.07
C SER A 29 7.03 -4.50 -1.67
N LYS A 30 7.89 -3.84 -0.89
CA LYS A 30 8.18 -4.29 0.47
C LYS A 30 6.99 -4.03 1.38
N HIS A 31 6.36 -2.87 1.21
CA HIS A 31 5.20 -2.51 2.03
C HIS A 31 3.98 -3.36 1.66
N GLN A 32 4.07 -4.05 0.53
CA GLN A 32 2.97 -4.90 0.08
C GLN A 32 2.98 -6.23 0.83
N LEU A 33 4.17 -6.71 1.17
CA LEU A 33 4.31 -7.98 1.88
C LEU A 33 3.55 -7.95 3.21
N ILE A 34 3.22 -6.74 3.65
CA ILE A 34 2.49 -6.57 4.91
C ILE A 34 1.01 -6.86 4.72
N HIS A 35 0.51 -6.60 3.52
CA HIS A 35 -0.90 -6.84 3.21
C HIS A 35 -1.18 -8.32 3.05
N ALA A 36 -0.20 -9.05 2.54
CA ALA A 36 -0.34 -10.49 2.34
C ALA A 36 0.13 -11.27 3.56
N GLY A 37 -0.55 -11.06 4.68
CA GLY A 37 -0.19 -11.75 5.90
C GLY A 37 -1.10 -12.92 6.21
N GLU A 38 -0.55 -14.13 6.16
CA GLU A 38 -1.33 -15.33 6.43
C GLU A 38 -0.40 -16.52 6.72
N ASN A 39 -0.89 -17.46 7.51
CA ASN A 39 -0.12 -18.64 7.86
C ASN A 39 -0.90 -19.92 7.56
N PRO A 40 -0.18 -20.96 7.11
CA PRO A 40 -0.79 -22.25 6.78
C PRO A 40 -1.27 -23.00 8.02
N SER A 41 -2.57 -22.89 8.30
CA SER A 41 -3.15 -23.55 9.47
C SER A 41 -4.61 -23.90 9.20
N GLY A 42 -4.91 -25.19 9.24
CA GLY A 42 -6.28 -25.63 9.01
C GLY A 42 -6.46 -26.29 7.65
N PRO A 43 -7.69 -26.73 7.36
CA PRO A 43 -8.02 -27.38 6.09
C PRO A 43 -7.96 -26.42 4.91
N SER A 44 -7.61 -25.17 5.19
CA SER A 44 -7.52 -24.15 4.15
C SER A 44 -6.68 -24.63 2.98
N SER A 45 -6.80 -23.95 1.84
CA SER A 45 -6.05 -24.31 0.65
C SER A 45 -5.91 -23.12 -0.29
N GLY A 46 -5.14 -23.29 -1.36
CA GLY A 46 -4.95 -22.22 -2.32
C GLY A 46 -3.49 -21.88 -2.52
ZN ZN B . -0.45 -0.81 1.27
N GLY A 1 -18.79 5.62 4.78
CA GLY A 1 -17.96 4.62 4.14
C GLY A 1 -16.82 5.24 3.36
N SER A 2 -15.76 4.47 3.15
CA SER A 2 -14.58 4.95 2.42
C SER A 2 -13.83 3.79 1.79
N SER A 3 -13.26 4.04 0.60
CA SER A 3 -12.50 3.02 -0.11
C SER A 3 -11.43 3.65 -0.99
N GLY A 4 -10.17 3.48 -0.59
CA GLY A 4 -9.07 4.03 -1.36
C GLY A 4 -9.11 5.54 -1.41
N SER A 5 -7.98 6.17 -1.09
CA SER A 5 -7.89 7.63 -1.10
C SER A 5 -6.98 8.11 -2.21
N SER A 6 -7.56 8.29 -3.41
CA SER A 6 -6.80 8.74 -4.56
C SER A 6 -7.23 10.15 -4.97
N GLY A 7 -6.38 11.13 -4.66
CA GLY A 7 -6.69 12.51 -5.00
C GLY A 7 -5.46 13.29 -5.43
N THR A 8 -4.34 13.05 -4.76
CA THR A 8 -3.10 13.73 -5.07
C THR A 8 -2.04 12.75 -5.57
N LYS A 9 -1.35 13.12 -6.64
CA LYS A 9 -0.31 12.28 -7.22
C LYS A 9 1.07 12.86 -6.94
N GLU A 10 1.72 12.36 -5.90
CA GLU A 10 3.05 12.82 -5.53
C GLU A 10 4.12 11.83 -5.97
N HIS A 11 3.94 10.57 -5.61
CA HIS A 11 4.88 9.52 -5.97
C HIS A 11 4.31 8.63 -7.07
N PRO A 12 5.19 8.14 -7.95
CA PRO A 12 4.80 7.27 -9.06
C PRO A 12 4.36 5.88 -8.59
N PHE A 13 4.55 5.61 -7.31
CA PHE A 13 4.18 4.33 -6.73
C PHE A 13 3.13 4.52 -5.63
N LYS A 14 2.02 3.80 -5.75
CA LYS A 14 0.94 3.88 -4.77
C LYS A 14 0.39 2.50 -4.45
N CYS A 15 0.38 2.16 -3.17
CA CYS A 15 -0.13 0.86 -2.72
C CYS A 15 -1.59 0.68 -3.12
N ASN A 16 -1.83 -0.28 -4.00
CA ASN A 16 -3.18 -0.56 -4.48
C ASN A 16 -3.95 -1.41 -3.46
N GLU A 17 -3.40 -1.51 -2.26
CA GLU A 17 -4.04 -2.29 -1.20
C GLU A 17 -4.61 -1.38 -0.12
N CYS A 18 -3.97 -0.23 0.08
CA CYS A 18 -4.42 0.72 1.09
C CYS A 18 -4.53 2.12 0.49
N GLY A 19 -3.61 2.45 -0.42
CA GLY A 19 -3.63 3.75 -1.05
C GLY A 19 -2.42 4.59 -0.68
N LYS A 20 -1.42 3.94 -0.10
CA LYS A 20 -0.20 4.64 0.30
C LYS A 20 0.62 5.07 -0.91
N THR A 21 1.81 5.62 -0.66
CA THR A 21 2.68 6.07 -1.74
C THR A 21 4.14 5.99 -1.33
N PHE A 22 5.00 5.68 -2.29
CA PHE A 22 6.43 5.58 -2.03
C PHE A 22 7.24 6.09 -3.21
N SER A 23 8.29 6.84 -2.91
CA SER A 23 9.15 7.42 -3.94
C SER A 23 9.64 6.33 -4.90
N HIS A 24 10.22 5.27 -4.34
CA HIS A 24 10.72 4.17 -5.14
C HIS A 24 9.78 2.97 -5.07
N SER A 25 9.94 2.04 -6.00
CA SER A 25 9.10 0.85 -6.06
C SER A 25 9.44 -0.10 -4.91
N ALA A 26 10.71 -0.47 -4.81
CA ALA A 26 11.16 -1.37 -3.75
C ALA A 26 10.39 -1.12 -2.46
N HIS A 27 10.17 0.15 -2.14
CA HIS A 27 9.45 0.52 -0.92
C HIS A 27 8.02 0.00 -0.97
N LEU A 28 7.35 0.22 -2.09
CA LEU A 28 5.97 -0.22 -2.26
C LEU A 28 5.87 -1.75 -2.18
N SER A 29 6.54 -2.43 -3.10
CA SER A 29 6.54 -3.88 -3.14
C SER A 29 6.78 -4.46 -1.75
N LYS A 30 7.72 -3.87 -1.02
CA LYS A 30 8.04 -4.32 0.33
C LYS A 30 6.89 -4.06 1.28
N HIS A 31 6.32 -2.86 1.20
CA HIS A 31 5.19 -2.48 2.06
C HIS A 31 3.96 -3.31 1.73
N GLN A 32 3.99 -3.98 0.58
CA GLN A 32 2.86 -4.81 0.16
C GLN A 32 2.86 -6.14 0.89
N LEU A 33 4.04 -6.64 1.23
CA LEU A 33 4.18 -7.91 1.93
C LEU A 33 3.46 -7.87 3.27
N ILE A 34 3.23 -6.66 3.78
CA ILE A 34 2.54 -6.48 5.05
C ILE A 34 1.06 -6.78 4.92
N HIS A 35 0.51 -6.54 3.73
CA HIS A 35 -0.90 -6.79 3.48
C HIS A 35 -1.17 -8.28 3.28
N ALA A 36 -0.21 -8.98 2.70
CA ALA A 36 -0.34 -10.41 2.45
C ALA A 36 0.15 -11.21 3.65
N GLY A 37 -0.78 -11.51 4.57
CA GLY A 37 -0.42 -12.27 5.76
C GLY A 37 -0.14 -13.73 5.45
N GLU A 38 1.13 -14.07 5.33
CA GLU A 38 1.53 -15.45 5.03
C GLU A 38 1.69 -16.26 6.32
N ASN A 39 0.70 -17.11 6.60
CA ASN A 39 0.74 -17.95 7.79
C ASN A 39 0.06 -19.29 7.53
N PRO A 40 0.60 -20.35 8.15
CA PRO A 40 0.07 -21.71 8.00
C PRO A 40 -1.28 -21.88 8.68
N SER A 41 -1.68 -20.88 9.46
CA SER A 41 -2.95 -20.92 10.17
C SER A 41 -4.12 -20.75 9.21
N GLY A 42 -5.02 -21.74 9.19
CA GLY A 42 -6.16 -21.68 8.31
C GLY A 42 -5.80 -21.23 6.91
N PRO A 43 -5.34 -22.18 6.08
CA PRO A 43 -4.95 -21.89 4.70
C PRO A 43 -6.15 -21.56 3.81
N SER A 44 -7.34 -21.65 4.39
CA SER A 44 -8.56 -21.35 3.64
C SER A 44 -8.87 -22.47 2.64
N SER A 45 -8.68 -23.71 3.07
CA SER A 45 -8.93 -24.86 2.22
C SER A 45 -10.39 -24.90 1.78
N GLY A 46 -10.61 -24.88 0.46
CA GLY A 46 -11.96 -24.92 -0.06
C GLY A 46 -12.01 -24.67 -1.55
ZN ZN B . -0.57 -0.73 1.65
N GLY A 1 -18.88 19.68 -6.48
CA GLY A 1 -19.62 19.59 -7.72
C GLY A 1 -18.80 19.02 -8.86
N SER A 2 -18.51 19.85 -9.85
CA SER A 2 -17.73 19.43 -11.00
C SER A 2 -16.42 18.76 -10.56
N SER A 3 -15.98 17.78 -11.33
CA SER A 3 -14.75 17.05 -11.02
C SER A 3 -13.53 17.89 -11.40
N GLY A 4 -13.49 18.36 -12.64
CA GLY A 4 -12.37 19.16 -13.10
C GLY A 4 -11.10 18.35 -13.25
N SER A 5 -10.17 18.86 -14.04
CA SER A 5 -8.90 18.17 -14.26
C SER A 5 -7.83 18.68 -13.31
N SER A 6 -7.80 18.12 -12.10
CA SER A 6 -6.81 18.52 -11.10
C SER A 6 -6.12 17.30 -10.51
N GLY A 7 -4.96 16.96 -11.06
CA GLY A 7 -4.21 15.82 -10.58
C GLY A 7 -2.96 16.22 -9.82
N THR A 8 -2.58 15.43 -8.83
CA THR A 8 -1.39 15.70 -8.03
C THR A 8 -0.27 14.73 -8.34
N LYS A 9 0.96 15.15 -8.13
CA LYS A 9 2.13 14.31 -8.39
C LYS A 9 2.77 13.87 -7.09
N GLU A 10 2.11 12.93 -6.39
CA GLU A 10 2.63 12.43 -5.13
C GLU A 10 3.85 11.53 -5.36
N HIS A 11 3.63 10.42 -6.06
CA HIS A 11 4.72 9.48 -6.36
C HIS A 11 4.29 8.50 -7.44
N PRO A 12 5.29 7.97 -8.17
CA PRO A 12 5.05 7.01 -9.25
C PRO A 12 4.58 5.65 -8.73
N PHE A 13 4.69 5.45 -7.42
CA PHE A 13 4.27 4.20 -6.80
C PHE A 13 3.19 4.46 -5.75
N LYS A 14 2.02 3.86 -5.95
CA LYS A 14 0.91 4.02 -5.02
C LYS A 14 0.23 2.68 -4.75
N CYS A 15 0.24 2.26 -3.48
CA CYS A 15 -0.37 1.00 -3.09
C CYS A 15 -1.88 1.01 -3.35
N ASN A 16 -2.40 -0.11 -3.80
CA ASN A 16 -3.83 -0.23 -4.08
C ASN A 16 -4.55 -0.96 -2.96
N GLU A 17 -3.79 -1.65 -2.12
CA GLU A 17 -4.37 -2.38 -1.00
C GLU A 17 -4.85 -1.43 0.08
N CYS A 18 -4.09 -0.37 0.32
CA CYS A 18 -4.44 0.62 1.33
C CYS A 18 -4.60 2.00 0.71
N GLY A 19 -3.63 2.38 -0.13
CA GLY A 19 -3.69 3.68 -0.78
C GLY A 19 -2.50 4.56 -0.42
N LYS A 20 -1.38 3.93 -0.06
CA LYS A 20 -0.18 4.65 0.31
C LYS A 20 0.62 5.05 -0.93
N THR A 21 1.79 5.63 -0.72
CA THR A 21 2.65 6.06 -1.81
C THR A 21 4.12 6.02 -1.42
N PHE A 22 4.98 5.70 -2.38
CA PHE A 22 6.41 5.62 -2.13
C PHE A 22 7.20 6.12 -3.33
N SER A 23 8.25 6.88 -3.06
CA SER A 23 9.09 7.44 -4.12
C SER A 23 9.69 6.32 -4.98
N HIS A 24 10.23 5.31 -4.32
CA HIS A 24 10.84 4.19 -5.02
C HIS A 24 9.96 2.94 -4.92
N SER A 25 10.12 2.02 -5.87
CA SER A 25 9.33 0.79 -5.88
C SER A 25 9.69 -0.09 -4.70
N ALA A 26 10.98 -0.39 -4.56
CA ALA A 26 11.45 -1.23 -3.46
C ALA A 26 10.62 -1.01 -2.19
N HIS A 27 10.24 0.25 -1.97
CA HIS A 27 9.45 0.60 -0.79
C HIS A 27 8.04 0.02 -0.90
N LEU A 28 7.39 0.24 -2.04
CA LEU A 28 6.03 -0.26 -2.27
C LEU A 28 6.00 -1.78 -2.18
N SER A 29 6.75 -2.43 -3.07
CA SER A 29 6.81 -3.89 -3.11
C SER A 29 6.96 -4.46 -1.70
N LYS A 30 7.88 -3.87 -0.93
CA LYS A 30 8.13 -4.32 0.44
C LYS A 30 6.92 -4.05 1.33
N HIS A 31 6.31 -2.88 1.16
CA HIS A 31 5.14 -2.50 1.94
C HIS A 31 3.93 -3.35 1.56
N GLN A 32 4.03 -4.04 0.43
CA GLN A 32 2.95 -4.89 -0.05
C GLN A 32 2.92 -6.22 0.70
N LEU A 33 4.10 -6.69 1.09
CA LEU A 33 4.21 -7.95 1.82
C LEU A 33 3.47 -7.88 3.15
N ILE A 34 3.25 -6.67 3.64
CA ILE A 34 2.56 -6.47 4.90
C ILE A 34 1.07 -6.79 4.77
N HIS A 35 0.54 -6.59 3.57
CA HIS A 35 -0.88 -6.87 3.31
C HIS A 35 -1.12 -8.37 3.16
N ALA A 36 -0.13 -9.06 2.62
CA ALA A 36 -0.24 -10.51 2.43
C ALA A 36 -0.10 -11.25 3.75
N GLY A 37 -1.22 -11.78 4.24
CA GLY A 37 -1.22 -12.51 5.50
C GLY A 37 -1.93 -13.84 5.40
N GLU A 38 -1.33 -14.79 4.70
CA GLU A 38 -1.92 -16.11 4.53
C GLU A 38 -1.57 -17.02 5.70
N ASN A 39 -2.55 -17.81 6.16
CA ASN A 39 -2.34 -18.72 7.27
C ASN A 39 -3.28 -19.92 7.17
N PRO A 40 -2.78 -21.08 7.59
CA PRO A 40 -3.55 -22.34 7.56
C PRO A 40 -4.68 -22.34 8.59
N SER A 41 -4.80 -21.25 9.34
CA SER A 41 -5.83 -21.13 10.35
C SER A 41 -6.87 -20.09 9.96
N GLY A 42 -7.27 -20.11 8.70
CA GLY A 42 -8.25 -19.15 8.21
C GLY A 42 -9.41 -19.83 7.48
N PRO A 43 -10.37 -19.01 7.03
CA PRO A 43 -11.54 -19.52 6.31
C PRO A 43 -11.19 -20.04 4.91
N SER A 44 -10.20 -19.41 4.29
CA SER A 44 -9.77 -19.81 2.95
C SER A 44 -9.38 -21.28 2.92
N SER A 45 -9.47 -21.89 1.74
CA SER A 45 -9.14 -23.30 1.59
C SER A 45 -7.63 -23.50 1.59
N GLY A 46 -7.06 -23.59 2.79
CA GLY A 46 -5.62 -23.79 2.91
C GLY A 46 -5.01 -22.88 3.95
ZN ZN B . -0.62 -0.82 1.30
N GLY A 1 -19.65 21.47 -10.92
CA GLY A 1 -18.31 20.92 -10.84
C GLY A 1 -17.56 21.40 -9.62
N SER A 2 -16.76 20.53 -9.02
CA SER A 2 -15.99 20.87 -7.84
C SER A 2 -14.61 20.23 -7.88
N SER A 3 -13.63 20.90 -7.29
CA SER A 3 -12.26 20.39 -7.26
C SER A 3 -12.25 18.88 -7.00
N GLY A 4 -12.93 18.46 -5.94
CA GLY A 4 -12.99 17.05 -5.61
C GLY A 4 -11.62 16.39 -5.65
N SER A 5 -11.60 15.07 -5.62
CA SER A 5 -10.34 14.31 -5.64
C SER A 5 -10.20 13.54 -6.95
N SER A 6 -9.61 14.19 -7.95
CA SER A 6 -9.43 13.56 -9.26
C SER A 6 -7.98 13.70 -9.71
N GLY A 7 -7.05 13.49 -8.78
CA GLY A 7 -5.63 13.59 -9.10
C GLY A 7 -4.76 13.57 -7.87
N THR A 8 -3.97 12.50 -7.72
CA THR A 8 -3.09 12.36 -6.58
C THR A 8 -1.73 12.99 -6.85
N LYS A 9 -1.09 12.55 -7.93
CA LYS A 9 0.23 13.08 -8.31
C LYS A 9 1.17 13.12 -7.11
N GLU A 10 1.18 12.03 -6.33
CA GLU A 10 2.03 11.94 -5.15
C GLU A 10 3.33 11.22 -5.47
N HIS A 11 3.21 10.09 -6.19
CA HIS A 11 4.37 9.31 -6.56
C HIS A 11 4.00 8.24 -7.58
N PRO A 12 5.00 7.73 -8.31
CA PRO A 12 4.81 6.71 -9.34
C PRO A 12 4.44 5.35 -8.74
N PHE A 13 4.63 5.22 -7.42
CA PHE A 13 4.31 3.98 -6.73
C PHE A 13 3.29 4.22 -5.62
N LYS A 14 2.04 3.84 -5.89
CA LYS A 14 0.98 4.01 -4.91
C LYS A 14 0.27 2.69 -4.64
N CYS A 15 0.31 2.25 -3.38
CA CYS A 15 -0.34 1.00 -2.99
C CYS A 15 -1.83 1.04 -3.25
N ASN A 16 -2.34 0.00 -3.91
CA ASN A 16 -3.76 -0.07 -4.22
C ASN A 16 -4.52 -0.83 -3.14
N GLU A 17 -3.78 -1.47 -2.24
CA GLU A 17 -4.38 -2.23 -1.16
C GLU A 17 -4.89 -1.30 -0.06
N CYS A 18 -4.13 -0.26 0.23
CA CYS A 18 -4.50 0.71 1.26
C CYS A 18 -4.57 2.12 0.68
N GLY A 19 -3.59 2.47 -0.13
CA GLY A 19 -3.56 3.79 -0.75
C GLY A 19 -2.28 4.55 -0.42
N LYS A 20 -1.27 3.83 0.05
CA LYS A 20 0.00 4.44 0.40
C LYS A 20 0.79 4.82 -0.85
N THR A 21 1.83 5.63 -0.68
CA THR A 21 2.66 6.07 -1.79
C THR A 21 4.14 6.07 -1.42
N PHE A 22 4.98 5.72 -2.37
CA PHE A 22 6.42 5.68 -2.14
C PHE A 22 7.19 6.21 -3.35
N SER A 23 8.25 6.98 -3.09
CA SER A 23 9.06 7.54 -4.16
C SER A 23 9.69 6.45 -5.00
N HIS A 24 10.06 5.34 -4.34
CA HIS A 24 10.68 4.22 -5.03
C HIS A 24 9.78 2.98 -4.99
N SER A 25 10.03 2.04 -5.89
CA SER A 25 9.24 0.81 -5.94
C SER A 25 9.60 -0.11 -4.78
N ALA A 26 10.89 -0.34 -4.59
CA ALA A 26 11.35 -1.21 -3.51
C ALA A 26 10.54 -0.99 -2.24
N HIS A 27 10.26 0.27 -1.93
CA HIS A 27 9.49 0.62 -0.74
C HIS A 27 8.07 0.06 -0.84
N LEU A 28 7.44 0.27 -1.98
CA LEU A 28 6.07 -0.22 -2.19
C LEU A 28 6.02 -1.74 -2.13
N SER A 29 6.79 -2.39 -3.00
CA SER A 29 6.82 -3.85 -3.04
C SER A 29 7.02 -4.43 -1.65
N LYS A 30 7.87 -3.78 -0.85
CA LYS A 30 8.14 -4.23 0.50
C LYS A 30 6.93 -3.99 1.41
N HIS A 31 6.31 -2.84 1.27
CA HIS A 31 5.14 -2.50 2.07
C HIS A 31 3.94 -3.35 1.67
N GLN A 32 4.04 -4.02 0.53
CA GLN A 32 2.96 -4.87 0.03
C GLN A 32 2.96 -6.20 0.76
N LEU A 33 4.13 -6.70 1.10
CA LEU A 33 4.27 -7.98 1.79
C LEU A 33 3.48 -7.96 3.11
N ILE A 34 3.24 -6.76 3.62
CA ILE A 34 2.49 -6.60 4.87
C ILE A 34 1.02 -6.94 4.68
N HIS A 35 0.52 -6.69 3.47
CA HIS A 35 -0.88 -6.97 3.16
C HIS A 35 -1.10 -8.47 2.93
N ALA A 36 -0.09 -9.12 2.36
CA ALA A 36 -0.17 -10.55 2.08
C ALA A 36 0.10 -11.37 3.33
N GLY A 37 -0.83 -12.25 3.68
CA GLY A 37 -0.67 -13.08 4.86
C GLY A 37 -0.93 -14.54 4.57
N GLU A 38 0.12 -15.27 4.20
CA GLU A 38 -0.01 -16.69 3.90
C GLU A 38 1.06 -17.50 4.63
N ASN A 39 0.63 -18.29 5.61
CA ASN A 39 1.55 -19.11 6.39
C ASN A 39 0.94 -20.48 6.67
N PRO A 40 1.77 -21.52 6.57
CA PRO A 40 1.34 -22.91 6.81
C PRO A 40 1.05 -23.17 8.28
N SER A 41 -0.06 -23.86 8.54
CA SER A 41 -0.46 -24.18 9.92
C SER A 41 -0.21 -25.65 10.22
N GLY A 42 1.01 -25.96 10.63
CA GLY A 42 1.36 -27.33 10.96
C GLY A 42 0.63 -28.34 10.08
N PRO A 43 -0.49 -28.87 10.58
CA PRO A 43 -1.29 -29.85 9.85
C PRO A 43 -2.00 -29.25 8.66
N SER A 44 -2.57 -30.10 7.81
CA SER A 44 -3.28 -29.65 6.62
C SER A 44 -2.54 -28.49 5.95
N SER A 45 -1.24 -28.64 5.79
CA SER A 45 -0.41 -27.61 5.18
C SER A 45 -0.26 -27.86 3.68
N GLY A 46 0.02 -29.10 3.32
CA GLY A 46 0.19 -29.45 1.92
C GLY A 46 -0.77 -30.54 1.48
ZN ZN B . -0.65 -0.89 1.35
N GLY A 1 14.35 11.74 7.46
CA GLY A 1 13.75 13.06 7.46
C GLY A 1 12.51 13.13 6.59
N SER A 2 11.61 14.05 6.91
CA SER A 2 10.39 14.22 6.13
C SER A 2 10.19 15.67 5.74
N SER A 3 9.65 15.88 4.53
CA SER A 3 9.42 17.22 4.03
C SER A 3 7.97 17.38 3.57
N GLY A 4 7.62 18.60 3.16
CA GLY A 4 6.26 18.87 2.71
C GLY A 4 6.05 18.50 1.26
N SER A 5 4.80 18.34 0.86
CA SER A 5 4.46 17.98 -0.52
C SER A 5 4.42 19.21 -1.41
N SER A 6 3.64 20.21 -0.99
CA SER A 6 3.52 21.45 -1.76
C SER A 6 3.22 21.15 -3.22
N GLY A 7 2.35 20.18 -3.47
CA GLY A 7 2.01 19.81 -4.83
C GLY A 7 1.12 18.59 -4.89
N THR A 8 -0.13 18.80 -5.31
CA THR A 8 -1.10 17.71 -5.41
C THR A 8 -0.43 16.44 -5.91
N LYS A 9 0.30 16.55 -7.00
CA LYS A 9 0.99 15.41 -7.59
C LYS A 9 1.47 14.46 -6.50
N GLU A 10 1.56 13.17 -6.84
CA GLU A 10 2.02 12.16 -5.90
C GLU A 10 3.09 11.27 -6.51
N HIS A 11 3.63 10.36 -5.71
CA HIS A 11 4.66 9.44 -6.18
C HIS A 11 4.11 8.50 -7.25
N PRO A 12 5.01 7.97 -8.09
CA PRO A 12 4.63 7.06 -9.17
C PRO A 12 4.20 5.69 -8.64
N PHE A 13 4.58 5.40 -7.39
CA PHE A 13 4.22 4.12 -6.78
C PHE A 13 3.20 4.34 -5.66
N LYS A 14 1.99 3.81 -5.86
CA LYS A 14 0.93 3.94 -4.88
C LYS A 14 0.31 2.58 -4.58
N CYS A 15 0.31 2.20 -3.30
CA CYS A 15 -0.26 0.92 -2.88
C CYS A 15 -1.73 0.84 -3.24
N ASN A 16 -2.10 -0.21 -3.98
CA ASN A 16 -3.48 -0.41 -4.39
C ASN A 16 -4.24 -1.24 -3.36
N GLU A 17 -3.66 -1.39 -2.18
CA GLU A 17 -4.29 -2.16 -1.11
C GLU A 17 -4.80 -1.24 0.00
N CYS A 18 -4.03 -0.18 0.28
CA CYS A 18 -4.41 0.77 1.31
C CYS A 18 -4.51 2.18 0.74
N GLY A 19 -3.63 2.49 -0.21
CA GLY A 19 -3.64 3.81 -0.82
C GLY A 19 -2.40 4.62 -0.49
N LYS A 20 -1.36 3.94 -0.03
CA LYS A 20 -0.11 4.59 0.32
C LYS A 20 0.70 4.94 -0.92
N THR A 21 1.78 5.68 -0.72
CA THR A 21 2.64 6.08 -1.84
C THR A 21 4.11 6.05 -1.44
N PHE A 22 4.96 5.63 -2.36
CA PHE A 22 6.40 5.56 -2.10
C PHE A 22 7.20 6.07 -3.30
N SER A 23 8.22 6.88 -3.02
CA SER A 23 9.06 7.43 -4.07
C SER A 23 9.59 6.33 -4.98
N HIS A 24 10.18 5.31 -4.37
CA HIS A 24 10.74 4.19 -5.13
C HIS A 24 9.83 2.97 -5.03
N SER A 25 10.03 2.02 -5.94
CA SER A 25 9.22 0.80 -5.98
C SER A 25 9.61 -0.14 -4.84
N ALA A 26 10.91 -0.37 -4.70
CA ALA A 26 11.42 -1.25 -3.66
C ALA A 26 10.65 -1.06 -2.35
N HIS A 27 10.28 0.19 -2.06
CA HIS A 27 9.54 0.51 -0.85
C HIS A 27 8.13 -0.06 -0.91
N LEU A 28 7.43 0.22 -2.00
CA LEU A 28 6.07 -0.27 -2.18
C LEU A 28 6.01 -1.79 -2.09
N SER A 29 6.76 -2.46 -2.96
CA SER A 29 6.79 -3.92 -2.98
C SER A 29 7.00 -4.47 -1.56
N LYS A 30 7.87 -3.82 -0.80
CA LYS A 30 8.15 -4.24 0.56
C LYS A 30 6.96 -3.99 1.47
N HIS A 31 6.33 -2.83 1.32
CA HIS A 31 5.18 -2.47 2.14
C HIS A 31 3.96 -3.30 1.74
N GLN A 32 4.04 -3.95 0.58
CA GLN A 32 2.95 -4.77 0.08
C GLN A 32 2.91 -6.12 0.80
N LEU A 33 4.09 -6.65 1.12
CA LEU A 33 4.20 -7.93 1.80
C LEU A 33 3.40 -7.91 3.11
N ILE A 34 3.17 -6.72 3.63
CA ILE A 34 2.42 -6.57 4.88
C ILE A 34 0.94 -6.87 4.67
N HIS A 35 0.47 -6.63 3.45
CA HIS A 35 -0.93 -6.88 3.12
C HIS A 35 -1.17 -8.36 2.81
N ALA A 36 -0.20 -8.98 2.14
CA ALA A 36 -0.29 -10.39 1.79
C ALA A 36 -0.70 -11.23 3.00
N GLY A 37 0.06 -11.11 4.09
CA GLY A 37 -0.25 -11.86 5.29
C GLY A 37 0.70 -11.55 6.42
N GLU A 38 2.00 -11.70 6.17
CA GLU A 38 3.02 -11.43 7.18
C GLU A 38 3.05 -9.95 7.54
N ASN A 39 3.66 -9.64 8.67
CA ASN A 39 3.76 -8.26 9.14
C ASN A 39 5.11 -8.00 9.80
N PRO A 40 5.65 -6.79 9.57
CA PRO A 40 6.95 -6.40 10.14
C PRO A 40 6.88 -6.19 11.66
N SER A 41 5.84 -5.51 12.10
CA SER A 41 5.66 -5.24 13.53
C SER A 41 4.21 -4.86 13.84
N GLY A 42 3.61 -5.59 14.77
CA GLY A 42 2.23 -5.31 15.14
C GLY A 42 1.24 -5.99 14.23
N PRO A 43 0.09 -6.41 14.79
CA PRO A 43 -0.97 -7.09 14.04
C PRO A 43 -1.67 -6.16 13.05
N SER A 44 -2.54 -6.72 12.22
CA SER A 44 -3.28 -5.94 11.25
C SER A 44 -4.77 -6.01 11.50
N SER A 45 -5.45 -4.88 11.34
CA SER A 45 -6.89 -4.81 11.57
C SER A 45 -7.58 -4.05 10.43
N GLY A 46 -8.36 -4.77 9.64
CA GLY A 46 -9.06 -4.14 8.53
C GLY A 46 -9.23 -5.08 7.35
ZN ZN B . -0.64 -0.74 1.51
N GLY A 1 1.39 25.23 14.86
CA GLY A 1 1.77 24.26 13.84
C GLY A 1 2.95 23.41 14.27
N SER A 2 2.68 22.40 15.10
CA SER A 2 3.73 21.52 15.59
C SER A 2 4.66 21.10 14.46
N SER A 3 4.07 20.74 13.32
CA SER A 3 4.85 20.32 12.16
C SER A 3 4.05 20.52 10.87
N GLY A 4 4.73 20.98 9.83
CA GLY A 4 4.07 21.21 8.55
C GLY A 4 4.28 20.06 7.58
N SER A 5 4.15 20.35 6.30
CA SER A 5 4.31 19.33 5.26
C SER A 5 5.20 19.85 4.14
N SER A 6 5.88 18.93 3.45
CA SER A 6 6.77 19.29 2.35
C SER A 6 6.03 20.13 1.32
N GLY A 7 4.97 19.57 0.75
CA GLY A 7 4.20 20.28 -0.24
C GLY A 7 3.61 19.34 -1.29
N THR A 8 2.83 19.91 -2.21
CA THR A 8 2.20 19.13 -3.27
C THR A 8 3.21 18.24 -3.97
N LYS A 9 3.32 16.99 -3.52
CA LYS A 9 4.25 16.04 -4.11
C LYS A 9 3.60 14.67 -4.27
N GLU A 10 3.71 14.10 -5.48
CA GLU A 10 3.13 12.81 -5.77
C GLU A 10 4.23 11.78 -6.07
N HIS A 11 3.92 10.51 -5.82
CA HIS A 11 4.87 9.43 -6.07
C HIS A 11 4.39 8.52 -7.20
N PRO A 12 5.34 8.02 -7.99
CA PRO A 12 5.04 7.13 -9.12
C PRO A 12 4.55 5.75 -8.67
N PHE A 13 4.69 5.49 -7.37
CA PHE A 13 4.26 4.21 -6.81
C PHE A 13 3.22 4.42 -5.71
N LYS A 14 2.02 3.92 -5.94
CA LYS A 14 0.93 4.05 -4.97
C LYS A 14 0.26 2.70 -4.72
N CYS A 15 0.26 2.27 -3.46
CA CYS A 15 -0.35 1.01 -3.08
C CYS A 15 -1.85 1.02 -3.34
N ASN A 16 -2.37 -0.08 -3.89
CA ASN A 16 -3.79 -0.18 -4.19
C ASN A 16 -4.53 -0.92 -3.08
N GLU A 17 -3.77 -1.58 -2.21
CA GLU A 17 -4.35 -2.33 -1.10
C GLU A 17 -4.89 -1.39 -0.04
N CYS A 18 -4.11 -0.36 0.27
CA CYS A 18 -4.51 0.63 1.28
C CYS A 18 -4.62 2.02 0.67
N GLY A 19 -3.63 2.39 -0.14
CA GLY A 19 -3.64 3.70 -0.78
C GLY A 19 -2.43 4.53 -0.43
N LYS A 20 -1.34 3.86 -0.04
CA LYS A 20 -0.11 4.53 0.31
C LYS A 20 0.68 4.92 -0.93
N THR A 21 1.75 5.69 -0.73
CA THR A 21 2.59 6.13 -1.84
C THR A 21 4.07 6.11 -1.45
N PHE A 22 4.91 5.63 -2.36
CA PHE A 22 6.34 5.56 -2.12
C PHE A 22 7.13 6.06 -3.33
N SER A 23 8.20 6.80 -3.05
CA SER A 23 9.03 7.35 -4.12
C SER A 23 9.63 6.23 -4.98
N HIS A 24 10.25 5.25 -4.32
CA HIS A 24 10.86 4.13 -5.02
C HIS A 24 9.94 2.90 -4.97
N SER A 25 10.10 2.02 -5.95
CA SER A 25 9.28 0.81 -6.01
C SER A 25 9.63 -0.13 -4.86
N ALA A 26 10.92 -0.34 -4.63
CA ALA A 26 11.38 -1.22 -3.57
C ALA A 26 10.58 -1.00 -2.29
N HIS A 27 10.25 0.26 -2.02
CA HIS A 27 9.48 0.62 -0.83
C HIS A 27 8.06 0.07 -0.91
N LEU A 28 7.45 0.20 -2.08
CA LEU A 28 6.09 -0.28 -2.29
C LEU A 28 6.02 -1.80 -2.18
N SER A 29 6.75 -2.48 -3.07
CA SER A 29 6.77 -3.95 -3.07
C SER A 29 6.96 -4.49 -1.65
N LYS A 30 7.85 -3.85 -0.90
CA LYS A 30 8.12 -4.26 0.47
C LYS A 30 6.92 -4.00 1.37
N HIS A 31 6.30 -2.85 1.20
CA HIS A 31 5.13 -2.47 1.99
C HIS A 31 3.93 -3.34 1.63
N GLN A 32 4.02 -4.03 0.49
CA GLN A 32 2.94 -4.88 0.03
C GLN A 32 2.95 -6.22 0.77
N LEU A 33 4.13 -6.66 1.18
CA LEU A 33 4.27 -7.93 1.90
C LEU A 33 3.53 -7.87 3.24
N ILE A 34 3.25 -6.65 3.70
CA ILE A 34 2.55 -6.47 4.96
C ILE A 34 1.06 -6.81 4.81
N HIS A 35 0.55 -6.65 3.60
CA HIS A 35 -0.86 -6.94 3.33
C HIS A 35 -1.09 -8.45 3.18
N ALA A 36 -0.12 -9.14 2.60
CA ALA A 36 -0.21 -10.58 2.40
C ALA A 36 0.05 -11.32 3.70
N GLY A 37 1.17 -11.03 4.34
CA GLY A 37 1.51 -11.69 5.59
C GLY A 37 1.86 -13.15 5.40
N GLU A 38 2.56 -13.46 4.31
CA GLU A 38 2.95 -14.84 4.02
C GLU A 38 4.12 -15.27 4.90
N ASN A 39 5.24 -14.56 4.79
CA ASN A 39 6.42 -14.89 5.57
C ASN A 39 6.65 -13.83 6.65
N PRO A 40 5.89 -13.95 7.76
CA PRO A 40 6.00 -13.02 8.89
C PRO A 40 7.31 -13.19 9.65
N SER A 41 8.35 -12.51 9.18
CA SER A 41 9.66 -12.58 9.82
C SER A 41 9.62 -11.93 11.20
N GLY A 42 10.05 -12.68 12.21
CA GLY A 42 10.06 -12.16 13.56
C GLY A 42 9.59 -13.19 14.58
N PRO A 43 10.18 -13.14 15.78
CA PRO A 43 9.83 -14.07 16.87
C PRO A 43 8.44 -13.80 17.43
N SER A 44 7.80 -12.75 16.95
CA SER A 44 6.46 -12.39 17.39
C SER A 44 5.57 -13.62 17.49
N SER A 45 5.13 -13.94 18.70
CA SER A 45 4.27 -15.10 18.93
C SER A 45 2.81 -14.75 18.66
N GLY A 46 2.57 -14.07 17.54
CA GLY A 46 1.21 -13.69 17.18
C GLY A 46 1.01 -13.59 15.68
ZN ZN B . -0.65 -0.85 1.31
N GLY A 1 -24.64 2.57 -5.40
CA GLY A 1 -23.75 3.47 -6.12
C GLY A 1 -22.45 3.72 -5.40
N SER A 2 -21.34 3.30 -6.01
CA SER A 2 -20.03 3.48 -5.41
C SER A 2 -19.11 4.28 -6.33
N SER A 3 -18.31 5.16 -5.74
CA SER A 3 -17.39 5.99 -6.50
C SER A 3 -16.19 6.40 -5.65
N GLY A 4 -14.99 6.07 -6.14
CA GLY A 4 -13.78 6.41 -5.41
C GLY A 4 -12.58 6.59 -6.32
N SER A 5 -12.77 7.36 -7.40
CA SER A 5 -11.70 7.60 -8.36
C SER A 5 -11.22 9.04 -8.27
N SER A 6 -9.90 9.21 -8.17
CA SER A 6 -9.30 10.54 -8.09
C SER A 6 -7.82 10.49 -8.44
N GLY A 7 -7.34 11.55 -9.09
CA GLY A 7 -5.94 11.61 -9.47
C GLY A 7 -5.16 12.60 -8.64
N THR A 8 -4.23 12.10 -7.83
CA THR A 8 -3.41 12.94 -6.97
C THR A 8 -2.01 13.11 -7.56
N LYS A 9 -1.40 12.01 -7.93
CA LYS A 9 -0.05 12.04 -8.50
C LYS A 9 0.98 12.38 -7.44
N GLU A 10 0.93 11.68 -6.32
CA GLU A 10 1.87 11.91 -5.22
C GLU A 10 3.18 11.20 -5.48
N HIS A 11 3.12 10.05 -6.15
CA HIS A 11 4.30 9.27 -6.45
C HIS A 11 3.99 8.18 -7.48
N PRO A 12 5.03 7.68 -8.15
CA PRO A 12 4.89 6.63 -9.17
C PRO A 12 4.52 5.28 -8.56
N PHE A 13 4.59 5.20 -7.24
CA PHE A 13 4.25 3.97 -6.53
C PHE A 13 3.15 4.21 -5.50
N LYS A 14 1.93 3.82 -5.84
CA LYS A 14 0.80 3.99 -4.95
C LYS A 14 0.16 2.65 -4.61
N CYS A 15 0.29 2.24 -3.36
CA CYS A 15 -0.28 0.98 -2.90
C CYS A 15 -1.79 0.98 -3.04
N ASN A 16 -2.30 0.16 -3.97
CA ASN A 16 -3.73 0.08 -4.22
C ASN A 16 -4.43 -0.66 -3.08
N GLU A 17 -3.67 -1.44 -2.32
CA GLU A 17 -4.20 -2.19 -1.20
C GLU A 17 -4.77 -1.26 -0.14
N CYS A 18 -3.98 -0.27 0.25
CA CYS A 18 -4.40 0.70 1.27
C CYS A 18 -4.47 2.10 0.68
N GLY A 19 -3.53 2.42 -0.20
CA GLY A 19 -3.51 3.74 -0.82
C GLY A 19 -2.24 4.51 -0.50
N LYS A 20 -1.26 3.82 0.05
CA LYS A 20 0.02 4.44 0.40
C LYS A 20 0.78 4.85 -0.85
N THR A 21 1.78 5.71 -0.67
CA THR A 21 2.59 6.19 -1.79
C THR A 21 4.08 6.14 -1.45
N PHE A 22 4.89 5.84 -2.45
CA PHE A 22 6.34 5.75 -2.26
C PHE A 22 7.08 6.31 -3.47
N SER A 23 8.19 6.99 -3.22
CA SER A 23 8.99 7.58 -4.29
C SER A 23 9.81 6.50 -5.01
N HIS A 24 9.82 5.30 -4.44
CA HIS A 24 10.56 4.18 -5.03
C HIS A 24 9.74 2.89 -4.95
N SER A 25 10.05 1.95 -5.84
CA SER A 25 9.34 0.68 -5.88
C SER A 25 9.68 -0.17 -4.65
N ALA A 26 10.97 -0.40 -4.44
CA ALA A 26 11.44 -1.18 -3.31
C ALA A 26 10.56 -0.95 -2.08
N HIS A 27 10.15 0.30 -1.88
CA HIS A 27 9.31 0.66 -0.74
C HIS A 27 7.92 0.03 -0.87
N LEU A 28 7.31 0.20 -2.03
CA LEU A 28 5.98 -0.35 -2.30
C LEU A 28 6.00 -1.87 -2.19
N SER A 29 6.76 -2.51 -3.07
CA SER A 29 6.86 -3.97 -3.07
C SER A 29 7.05 -4.51 -1.66
N LYS A 30 7.93 -3.85 -0.90
CA LYS A 30 8.20 -4.27 0.46
C LYS A 30 7.00 -4.01 1.37
N HIS A 31 6.37 -2.86 1.19
CA HIS A 31 5.19 -2.50 1.99
C HIS A 31 3.99 -3.35 1.58
N GLN A 32 4.09 -4.02 0.45
CA GLN A 32 3.00 -4.86 -0.05
C GLN A 32 2.97 -6.19 0.69
N LEU A 33 4.15 -6.68 1.06
CA LEU A 33 4.25 -7.95 1.77
C LEU A 33 3.48 -7.91 3.09
N ILE A 34 3.23 -6.69 3.58
CA ILE A 34 2.49 -6.51 4.83
C ILE A 34 1.02 -6.83 4.64
N HIS A 35 0.51 -6.62 3.42
CA HIS A 35 -0.89 -6.89 3.13
C HIS A 35 -1.13 -8.39 2.96
N ALA A 36 -0.13 -9.10 2.44
CA ALA A 36 -0.23 -10.53 2.23
C ALA A 36 0.08 -11.29 3.52
N GLY A 37 0.09 -12.62 3.43
CA GLY A 37 0.37 -13.44 4.59
C GLY A 37 -0.73 -13.36 5.63
N GLU A 38 -1.98 -13.38 5.17
CA GLU A 38 -3.13 -13.29 6.08
C GLU A 38 -4.36 -13.92 5.44
N ASN A 39 -4.99 -14.84 6.16
CA ASN A 39 -6.19 -15.52 5.67
C ASN A 39 -7.05 -16.00 6.83
N PRO A 40 -8.37 -15.94 6.64
CA PRO A 40 -9.34 -16.37 7.66
C PRO A 40 -9.34 -17.88 7.85
N SER A 41 -8.62 -18.58 6.98
CA SER A 41 -8.55 -20.05 7.06
C SER A 41 -7.12 -20.50 7.32
N GLY A 42 -6.97 -21.63 8.00
CA GLY A 42 -5.66 -22.15 8.30
C GLY A 42 -4.88 -22.53 7.05
N PRO A 43 -3.76 -23.25 7.24
CA PRO A 43 -2.90 -23.68 6.13
C PRO A 43 -3.58 -24.76 5.28
N SER A 44 -4.35 -24.33 4.28
CA SER A 44 -5.04 -25.24 3.39
C SER A 44 -4.11 -25.77 2.31
N SER A 45 -4.18 -27.06 2.05
CA SER A 45 -3.35 -27.69 1.04
C SER A 45 -3.41 -26.93 -0.28
N GLY A 46 -2.57 -27.33 -1.24
CA GLY A 46 -2.54 -26.67 -2.53
C GLY A 46 -2.37 -25.17 -2.41
ZN ZN B . -0.61 -0.85 1.42
N GLY A 1 -21.17 20.51 -11.76
CA GLY A 1 -21.22 19.07 -11.88
C GLY A 1 -19.87 18.43 -11.64
N SER A 2 -19.88 17.22 -11.08
CA SER A 2 -18.64 16.50 -10.79
C SER A 2 -18.06 15.88 -12.06
N SER A 3 -16.74 15.89 -12.16
CA SER A 3 -16.06 15.33 -13.33
C SER A 3 -15.53 13.93 -13.02
N GLY A 4 -14.88 13.79 -11.88
CA GLY A 4 -14.33 12.50 -11.49
C GLY A 4 -13.86 12.47 -10.05
N SER A 5 -13.44 11.31 -9.58
CA SER A 5 -12.96 11.15 -8.21
C SER A 5 -11.44 11.06 -8.17
N SER A 6 -10.78 12.21 -8.05
CA SER A 6 -9.33 12.25 -8.00
C SER A 6 -8.83 12.15 -6.57
N GLY A 7 -7.71 11.46 -6.38
CA GLY A 7 -7.15 11.30 -5.06
C GLY A 7 -5.91 12.14 -4.85
N THR A 8 -5.29 12.00 -3.68
CA THR A 8 -4.09 12.75 -3.35
C THR A 8 -2.85 11.87 -3.44
N LYS A 9 -1.99 12.17 -4.40
CA LYS A 9 -0.76 11.40 -4.60
C LYS A 9 0.13 12.05 -5.65
N GLU A 10 1.43 12.08 -5.38
CA GLU A 10 2.39 12.67 -6.31
C GLU A 10 3.59 11.75 -6.53
N HIS A 11 3.43 10.49 -6.13
CA HIS A 11 4.50 9.51 -6.28
C HIS A 11 4.18 8.52 -7.39
N PRO A 12 5.23 8.03 -8.07
CA PRO A 12 5.09 7.07 -9.17
C PRO A 12 4.63 5.70 -8.70
N PHE A 13 4.64 5.50 -7.37
CA PHE A 13 4.23 4.23 -6.79
C PHE A 13 3.18 4.46 -5.70
N LYS A 14 2.04 3.80 -5.85
CA LYS A 14 0.95 3.91 -4.87
C LYS A 14 0.35 2.55 -4.55
N CYS A 15 0.29 2.22 -3.27
CA CYS A 15 -0.27 0.95 -2.83
C CYS A 15 -1.77 0.89 -3.10
N ASN A 16 -2.16 -0.08 -3.92
CA ASN A 16 -3.58 -0.25 -4.26
C ASN A 16 -4.31 -1.00 -3.15
N GLU A 17 -3.56 -1.61 -2.25
CA GLU A 17 -4.15 -2.36 -1.14
C GLU A 17 -4.73 -1.42 -0.10
N CYS A 18 -4.02 -0.32 0.16
CA CYS A 18 -4.47 0.65 1.14
C CYS A 18 -4.58 2.04 0.51
N GLY A 19 -3.59 2.40 -0.30
CA GLY A 19 -3.59 3.69 -0.96
C GLY A 19 -2.38 4.53 -0.61
N LYS A 20 -1.37 3.88 -0.03
CA LYS A 20 -0.14 4.56 0.35
C LYS A 20 0.65 4.98 -0.88
N THR A 21 1.77 5.65 -0.66
CA THR A 21 2.62 6.11 -1.75
C THR A 21 4.10 6.06 -1.36
N PHE A 22 4.95 5.68 -2.31
CA PHE A 22 6.38 5.60 -2.06
C PHE A 22 7.17 6.13 -3.26
N SER A 23 8.24 6.86 -2.97
CA SER A 23 9.09 7.42 -4.01
C SER A 23 9.62 6.32 -4.94
N HIS A 24 10.18 5.28 -4.33
CA HIS A 24 10.74 4.17 -5.10
C HIS A 24 9.82 2.94 -5.02
N SER A 25 9.98 2.03 -5.96
CA SER A 25 9.17 0.83 -6.01
C SER A 25 9.52 -0.11 -4.85
N ALA A 26 10.81 -0.42 -4.71
CA ALA A 26 11.28 -1.29 -3.64
C ALA A 26 10.46 -1.09 -2.37
N HIS A 27 10.19 0.17 -2.04
CA HIS A 27 9.43 0.49 -0.85
C HIS A 27 8.00 -0.06 -0.94
N LEU A 28 7.34 0.20 -2.07
CA LEU A 28 5.98 -0.27 -2.29
C LEU A 28 5.92 -1.80 -2.23
N SER A 29 6.69 -2.45 -3.09
CA SER A 29 6.72 -3.91 -3.12
C SER A 29 6.99 -4.48 -1.74
N LYS A 30 7.77 -3.75 -0.94
CA LYS A 30 8.10 -4.19 0.41
C LYS A 30 6.93 -3.96 1.36
N HIS A 31 6.28 -2.80 1.23
CA HIS A 31 5.16 -2.45 2.08
C HIS A 31 3.92 -3.29 1.71
N GLN A 32 3.99 -3.95 0.55
CA GLN A 32 2.89 -4.78 0.10
C GLN A 32 2.88 -6.13 0.82
N LEU A 33 4.06 -6.64 1.11
CA LEU A 33 4.20 -7.91 1.80
C LEU A 33 3.49 -7.89 3.15
N ILE A 34 3.27 -6.69 3.68
CA ILE A 34 2.58 -6.52 4.96
C ILE A 34 1.10 -6.85 4.83
N HIS A 35 0.54 -6.58 3.66
CA HIS A 35 -0.88 -6.85 3.41
C HIS A 35 -1.12 -8.34 3.24
N ALA A 36 -0.10 -9.05 2.79
CA ALA A 36 -0.20 -10.49 2.57
C ALA A 36 0.23 -11.26 3.81
N GLY A 37 -0.29 -10.86 4.97
CA GLY A 37 0.04 -11.52 6.21
C GLY A 37 -1.13 -12.26 6.81
N GLU A 38 -1.80 -13.07 6.00
CA GLU A 38 -2.96 -13.84 6.46
C GLU A 38 -2.53 -15.24 6.89
N ASN A 39 -3.51 -16.02 7.37
CA ASN A 39 -3.24 -17.37 7.83
C ASN A 39 -4.22 -18.35 7.20
N PRO A 40 -3.69 -19.48 6.70
CA PRO A 40 -4.51 -20.52 6.06
C PRO A 40 -5.40 -21.27 7.07
N SER A 41 -5.33 -20.84 8.33
CA SER A 41 -6.12 -21.46 9.38
C SER A 41 -7.56 -20.97 9.34
N GLY A 42 -8.39 -21.63 8.55
CA GLY A 42 -9.79 -21.25 8.44
C GLY A 42 -10.02 -20.23 7.34
N PRO A 43 -11.19 -20.31 6.69
CA PRO A 43 -11.55 -19.39 5.61
C PRO A 43 -11.82 -17.98 6.10
N SER A 44 -11.73 -17.01 5.20
CA SER A 44 -11.96 -15.61 5.55
C SER A 44 -13.28 -15.12 4.99
N SER A 45 -14.31 -15.12 5.83
CA SER A 45 -15.63 -14.68 5.43
C SER A 45 -15.88 -13.22 5.83
N GLY A 46 -16.78 -12.56 5.12
CA GLY A 46 -17.08 -11.17 5.42
C GLY A 46 -17.44 -10.37 4.18
ZN ZN B . -0.57 -0.85 1.49
#